data_2VWE
#
_entry.id   2VWE
#
_cell.length_a   86.200
_cell.length_b   94.300
_cell.length_c   91.300
_cell.angle_alpha   90.00
_cell.angle_beta   102.30
_cell.angle_gamma   90.00
#
_symmetry.space_group_name_H-M   'P 1 21 1'
#
loop_
_entity.id
_entity.type
_entity.pdbx_description
1 polymer 'VASCULAR ENDOTHELIAL GROWTH FACTOR B'
2 polymer 'ANTI-VEGF-B MONOCLONAL ANTIBODY'
3 polymer 'ANTI-VEGF-B MONOCLONAL ANTIBODY'
#
loop_
_entity_poly.entity_id
_entity_poly.type
_entity_poly.pdbx_seq_one_letter_code
_entity_poly.pdbx_strand_id
1 'polypeptide(L)'
;PVSQPDAPGHQRKVVSWIDVYTRATCQPREVVVPLTVELMGTVAKQLVPSCVTVQRCGGCCPDDGLECVPTGQHQVRMQI
LMIRYPSSQLGEMSLEEHSQCECRPKKKDSAVKPDSPRPLCPRCTQHHQRPDPRTCRCRCRRRSFLRCQGRGLELNPDTC
RCRKLRR
;
A,B
2 'polypeptide(L)'
;EIQMTQTTSSLSASLGDRVTISCRASQDISNFLNWYQQKPDGTVKLLIYYTSTLHSGVPSRFSGSGSGTDYSLTISNLEQ
EDIATYFCQQGKTLPPTFGGGTKLEIKRADAAPTVSIFPPSSEQLTSGGASVVCFLNNFYPKEINVKWKIDGSERQNGVL
DSWTEQDSKDSTYSMSSTLTLTKDEYERHNSYTCEATHKTSTSPIVKSFNRNEC
;
C,J
3 'polypeptide(L)'
;QVQLQQPGTELVKPGASVKLSCKASGYTFTGFWIHWVKQRPGQGLEWIGHINPGNGGTNYNEKFKRMATLTVDKSSSTAY
MQLSSLTSEDSAVYYCARSYSNYVRAMDYWGQGTSVTVSSAKTTAPSVYPLVPVCGGTTGSSVTLGCLVKGYFPEPVTLT
WNSGSLSSGVHTFPALLQSGLYTLSSSVTVTSNTWPSQTITCNVAHPASSTKVDKKIEP
;
E,L
#
# COMPACT_ATOMS: atom_id res chain seq x y z
N GLN A 11 -13.50 28.79 -4.19
CA GLN A 11 -13.13 27.81 -3.13
C GLN A 11 -11.61 27.68 -3.00
N ARG A 12 -11.13 27.63 -1.77
CA ARG A 12 -9.70 27.53 -1.47
C ARG A 12 -9.43 26.90 -0.11
N LYS A 13 -8.19 26.48 0.12
CA LYS A 13 -7.78 25.88 1.40
C LYS A 13 -6.43 26.39 1.89
N VAL A 14 -6.23 26.34 3.22
CA VAL A 14 -5.02 26.86 3.86
C VAL A 14 -3.99 25.75 4.07
N VAL A 15 -2.72 26.13 4.18
CA VAL A 15 -1.63 25.19 4.44
C VAL A 15 -1.09 25.39 5.86
N SER A 16 -0.98 24.28 6.59
CA SER A 16 -0.44 24.28 7.96
C SER A 16 1.04 24.68 7.99
N TRP A 17 1.41 25.47 9.00
CA TRP A 17 2.79 25.97 9.13
C TRP A 17 3.83 24.85 9.22
N ILE A 18 3.46 23.74 9.86
CA ILE A 18 4.31 22.55 9.91
C ILE A 18 4.64 22.08 8.49
N ASP A 19 3.61 21.95 7.66
CA ASP A 19 3.78 21.57 6.26
C ASP A 19 4.53 22.62 5.44
N VAL A 20 4.46 23.87 5.89
CA VAL A 20 5.17 24.98 5.25
C VAL A 20 6.68 24.87 5.44
N TYR A 21 7.12 24.71 6.69
CA TYR A 21 8.55 24.64 6.98
C TYR A 21 9.22 23.30 6.69
N THR A 22 8.45 22.20 6.74
CA THR A 22 8.98 20.86 6.51
C THR A 22 9.62 20.72 5.13
N ARG A 23 8.93 21.23 4.11
CA ARG A 23 9.45 21.21 2.74
C ARG A 23 10.35 22.41 2.46
N ALA A 24 10.32 23.41 3.34
CA ALA A 24 11.12 24.62 3.19
C ALA A 24 12.50 24.49 3.82
N THR A 25 12.63 23.60 4.79
CA THR A 25 13.90 23.40 5.50
C THR A 25 14.96 22.81 4.58
N CYS A 26 16.21 23.17 4.83
CA CYS A 26 17.33 22.61 4.09
C CYS A 26 17.23 21.09 3.99
N GLN A 27 16.97 20.59 2.79
CA GLN A 27 17.19 19.18 2.49
C GLN A 27 17.46 18.98 1.00
N PRO A 28 17.81 17.74 0.62
CA PRO A 28 17.92 17.37 -0.79
C PRO A 28 16.57 17.33 -1.49
N ARG A 29 16.48 18.01 -2.63
CA ARG A 29 15.23 18.11 -3.38
C ARG A 29 15.44 18.08 -4.89
N GLU A 30 14.39 17.73 -5.62
CA GLU A 30 14.43 17.64 -7.09
C GLU A 30 14.47 19.03 -7.73
N VAL A 31 15.57 19.31 -8.43
CA VAL A 31 15.79 20.60 -9.08
C VAL A 31 16.13 20.41 -10.56
N VAL A 32 15.47 21.18 -11.41
CA VAL A 32 15.75 21.18 -12.86
C VAL A 32 17.06 21.90 -13.17
N VAL A 33 17.87 21.30 -14.04
CA VAL A 33 19.14 21.88 -14.48
C VAL A 33 19.19 21.97 -16.00
N PRO A 34 19.29 23.19 -16.54
CA PRO A 34 19.39 23.40 -18.00
C PRO A 34 20.74 22.95 -18.54
N LEU A 35 20.70 22.11 -19.57
CA LEU A 35 21.90 21.59 -20.21
C LEU A 35 22.56 22.64 -21.09
N THR A 36 23.74 23.10 -20.66
CA THR A 36 24.47 24.14 -21.38
C THR A 36 25.84 23.64 -21.85
N VAL A 37 26.35 24.26 -22.91
CA VAL A 37 27.68 23.95 -23.45
C VAL A 37 28.79 24.35 -22.47
N GLU A 38 28.47 25.26 -21.56
CA GLU A 38 29.39 25.70 -20.51
C GLU A 38 29.52 24.67 -19.39
N LEU A 39 28.48 23.86 -19.21
CA LEU A 39 28.47 22.81 -18.18
C LEU A 39 28.87 21.45 -18.75
N MET A 40 28.27 21.10 -19.89
CA MET A 40 28.69 19.91 -20.65
C MET A 40 28.95 20.28 -22.11
N GLY A 41 30.13 19.89 -22.60
CA GLY A 41 30.60 20.31 -23.93
C GLY A 41 29.93 19.67 -25.12
N THR A 42 30.66 19.64 -26.23
CA THR A 42 30.11 19.22 -27.53
C THR A 42 29.88 17.72 -27.63
N VAL A 43 28.61 17.35 -27.64
CA VAL A 43 28.16 15.99 -27.94
C VAL A 43 27.10 16.06 -29.04
N ALA A 44 26.45 17.21 -29.13
CA ALA A 44 25.41 17.49 -30.10
C ALA A 44 25.14 18.99 -30.14
N LYS A 45 24.45 19.44 -31.20
CA LYS A 45 23.99 20.83 -31.29
C LYS A 45 22.82 21.05 -30.33
N GLN A 46 22.01 20.00 -30.15
CA GLN A 46 20.90 20.02 -29.21
C GLN A 46 20.82 18.67 -28.49
N LEU A 47 20.70 18.72 -27.16
CA LEU A 47 20.52 17.52 -26.35
C LEU A 47 19.05 17.36 -26.01
N VAL A 48 18.56 16.12 -26.02
CA VAL A 48 17.16 15.82 -25.73
C VAL A 48 17.03 14.84 -24.56
N PRO A 49 16.36 15.27 -23.47
CA PRO A 49 15.81 16.62 -23.25
C PRO A 49 16.89 17.67 -22.99
N SER A 50 16.55 18.93 -23.25
CA SER A 50 17.49 20.05 -23.08
C SER A 50 17.73 20.43 -21.62
N CYS A 51 17.06 19.72 -20.71
CA CYS A 51 17.22 19.90 -19.28
C CYS A 51 16.93 18.59 -18.55
N VAL A 52 17.55 18.40 -17.39
CA VAL A 52 17.33 17.18 -16.58
C VAL A 52 17.07 17.51 -15.11
N THR A 53 16.74 16.49 -14.32
CA THR A 53 16.46 16.66 -12.90
C THR A 53 17.46 15.90 -12.02
N VAL A 54 18.02 16.60 -11.04
CA VAL A 54 18.94 16.00 -10.06
C VAL A 54 18.61 16.48 -8.63
N GLN A 55 18.93 15.64 -7.65
CA GLN A 55 18.70 15.96 -6.24
C GLN A 55 19.73 16.97 -5.73
N ARG A 56 19.27 18.19 -5.48
CA ARG A 56 20.15 19.28 -5.03
C ARG A 56 19.71 19.86 -3.70
N CYS A 57 20.67 20.46 -2.98
CA CYS A 57 20.41 21.07 -1.68
C CYS A 57 19.76 22.45 -1.82
N GLY A 58 18.43 22.46 -1.70
CA GLY A 58 17.66 23.70 -1.76
C GLY A 58 16.93 23.97 -0.46
N GLY A 59 16.40 25.18 -0.32
CA GLY A 59 15.66 25.58 0.88
C GLY A 59 16.40 26.60 1.71
N CYS A 60 15.96 26.76 2.96
CA CYS A 60 16.54 27.74 3.87
C CYS A 60 16.51 27.28 5.33
N CYS A 61 17.54 27.65 6.08
CA CYS A 61 17.67 27.31 7.49
C CYS A 61 16.87 28.28 8.36
N PRO A 62 16.49 27.86 9.59
CA PRO A 62 15.69 28.71 10.49
C PRO A 62 16.40 30.02 10.87
N ASP A 63 17.66 29.93 11.25
CA ASP A 63 18.46 31.10 11.64
C ASP A 63 19.03 31.79 10.40
N ASP A 64 19.15 33.12 10.49
CA ASP A 64 19.64 33.94 9.38
C ASP A 64 21.12 33.70 9.08
N GLY A 65 21.91 33.47 10.13
CA GLY A 65 23.35 33.23 9.99
C GLY A 65 23.70 31.79 9.66
N LEU A 66 22.72 31.03 9.18
CA LEU A 66 22.91 29.63 8.81
C LEU A 66 22.62 29.38 7.34
N GLU A 67 23.64 28.91 6.61
CA GLU A 67 23.52 28.66 5.17
C GLU A 67 23.26 27.18 4.84
N CYS A 68 22.59 26.95 3.72
CA CYS A 68 22.27 25.60 3.26
C CYS A 68 23.34 25.08 2.30
N VAL A 69 24.15 24.14 2.79
CA VAL A 69 25.25 23.56 2.02
C VAL A 69 25.26 22.04 2.10
N PRO A 70 25.64 21.36 0.99
CA PRO A 70 25.71 19.89 0.98
C PRO A 70 26.81 19.31 1.88
N THR A 71 26.50 18.19 2.53
CA THR A 71 27.46 17.46 3.36
C THR A 71 28.36 16.59 2.47
N GLY A 72 27.72 15.79 1.63
CA GLY A 72 28.41 14.91 0.70
C GLY A 72 27.64 14.74 -0.60
N GLN A 73 28.35 14.50 -1.69
CA GLN A 73 27.73 14.37 -3.01
C GLN A 73 28.24 13.17 -3.80
N HIS A 74 27.36 12.58 -4.61
CA HIS A 74 27.72 11.47 -5.48
C HIS A 74 27.29 11.76 -6.92
N GLN A 75 28.21 11.59 -7.86
CA GLN A 75 27.95 11.90 -9.26
C GLN A 75 27.20 10.76 -9.97
N VAL A 76 26.02 11.08 -10.48
CA VAL A 76 25.19 10.12 -11.21
C VAL A 76 25.25 10.32 -12.72
N ARG A 77 25.09 9.24 -13.46
CA ARG A 77 25.10 9.29 -14.92
C ARG A 77 23.73 9.01 -15.52
N MET A 78 23.36 9.79 -16.54
CA MET A 78 22.05 9.70 -17.17
C MET A 78 22.14 9.46 -18.66
N GLN A 79 21.18 8.69 -19.18
CA GLN A 79 21.08 8.40 -20.61
C GLN A 79 20.46 9.60 -21.32
N ILE A 80 21.15 10.11 -22.32
CA ILE A 80 20.73 11.34 -23.03
C ILE A 80 20.82 11.18 -24.55
N LEU A 81 19.77 11.62 -25.24
CA LEU A 81 19.74 11.59 -26.70
C LEU A 81 20.60 12.72 -27.28
N MET A 82 21.67 12.31 -27.96
CA MET A 82 22.59 13.25 -28.61
C MET A 82 22.23 13.38 -30.09
N ILE A 83 21.68 14.54 -30.46
CA ILE A 83 21.34 14.82 -31.85
C ILE A 83 22.60 15.10 -32.66
N ARG A 84 23.15 14.05 -33.26
CA ARG A 84 24.32 14.18 -34.12
C ARG A 84 23.90 13.93 -35.57
N TYR A 85 24.37 14.78 -36.48
CA TYR A 85 23.85 14.83 -37.83
C TYR A 85 24.58 13.84 -38.74
N PRO A 86 25.74 13.37 -38.28
CA PRO A 86 26.38 12.20 -38.89
C PRO A 86 25.64 10.91 -38.59
N SER A 87 25.36 10.67 -37.30
CA SER A 87 24.36 9.68 -36.92
C SER A 87 23.87 9.93 -35.49
N SER A 88 22.59 10.24 -35.36
CA SER A 88 22.01 10.55 -34.05
C SER A 88 22.05 9.33 -33.14
N GLN A 89 22.54 9.52 -31.92
CA GLN A 89 22.68 8.41 -30.97
C GLN A 89 22.20 8.75 -29.57
N LEU A 90 21.69 7.73 -28.87
CA LEU A 90 21.30 7.86 -27.47
C LEU A 90 22.50 7.51 -26.59
N GLY A 91 23.21 8.54 -26.12
CA GLY A 91 24.45 8.36 -25.38
C GLY A 91 24.31 8.49 -23.87
N GLU A 92 25.41 8.88 -23.23
CA GLU A 92 25.49 8.97 -21.78
C GLU A 92 26.21 10.23 -21.32
N MET A 93 25.67 10.87 -20.28
CA MET A 93 26.31 12.02 -19.64
C MET A 93 26.23 11.90 -18.11
N SER A 94 27.01 12.71 -17.41
CA SER A 94 27.06 12.65 -15.94
C SER A 94 26.89 14.03 -15.30
N LEU A 95 26.30 14.03 -14.09
CA LEU A 95 26.11 15.25 -13.31
C LEU A 95 26.29 15.01 -11.81
N GLU A 96 26.75 16.05 -11.10
CA GLU A 96 26.94 15.98 -9.65
C GLU A 96 25.61 16.09 -8.92
N GLU A 97 25.39 15.18 -7.97
CA GLU A 97 24.14 15.10 -7.22
C GLU A 97 24.42 14.98 -5.73
N HIS A 98 23.74 15.78 -4.91
CA HIS A 98 23.94 15.80 -3.46
C HIS A 98 23.23 14.63 -2.77
N SER A 99 23.79 14.21 -1.64
CA SER A 99 23.21 13.12 -0.83
C SER A 99 22.46 13.64 0.39
N GLN A 100 23.11 14.52 1.15
CA GLN A 100 22.51 15.13 2.34
C GLN A 100 23.06 16.55 2.55
N CYS A 101 22.27 17.39 3.22
CA CYS A 101 22.63 18.78 3.46
C CYS A 101 22.61 19.13 4.96
N GLU A 102 23.32 20.19 5.33
CA GLU A 102 23.34 20.67 6.72
C GLU A 102 23.37 22.20 6.80
N CYS A 103 23.02 22.73 7.97
CA CYS A 103 23.08 24.17 8.22
C CYS A 103 24.31 24.54 9.06
N ARG A 104 25.17 25.38 8.48
CA ARG A 104 26.40 25.80 9.14
C ARG A 104 26.40 27.31 9.41
N PRO A 105 27.14 27.75 10.47
CA PRO A 105 27.39 29.18 10.66
C PRO A 105 28.21 29.78 9.53
N LYS A 106 27.95 31.03 9.20
CA LYS A 106 28.62 31.71 8.09
C LYS A 106 29.84 32.52 8.53
N LYS A 107 30.70 32.84 7.57
CA LYS A 107 31.91 33.63 7.83
C LYS A 107 31.86 34.98 7.10
N LYS A 108 31.43 35.06 5.95
N GLN B 11 27.33 0.84 -6.07
CA GLN B 11 28.43 1.79 -6.42
C GLN B 11 28.08 2.65 -7.63
N ARG B 12 27.31 2.08 -8.55
CA ARG B 12 26.91 2.78 -9.78
C ARG B 12 25.50 2.44 -10.26
N LYS B 13 24.79 3.47 -10.70
CA LYS B 13 23.45 3.33 -11.26
C LYS B 13 23.31 4.17 -12.53
N VAL B 14 22.70 3.57 -13.56
CA VAL B 14 22.44 4.27 -14.81
C VAL B 14 20.95 4.60 -14.91
N VAL B 15 20.65 5.90 -14.94
CA VAL B 15 19.27 6.37 -15.04
C VAL B 15 18.79 6.22 -16.48
N SER B 16 17.73 5.43 -16.66
CA SER B 16 17.14 5.17 -17.98
C SER B 16 16.62 6.46 -18.61
N TRP B 17 16.79 6.57 -19.93
CA TRP B 17 16.40 7.78 -20.67
C TRP B 17 14.91 8.12 -20.50
N ILE B 18 14.08 7.09 -20.35
CA ILE B 18 12.66 7.29 -20.06
C ILE B 18 12.46 7.94 -18.70
N ASP B 19 13.18 7.44 -17.69
CA ASP B 19 13.17 8.04 -16.35
C ASP B 19 13.78 9.44 -16.35
N VAL B 20 14.64 9.71 -17.33
CA VAL B 20 15.26 11.02 -17.50
C VAL B 20 14.26 12.05 -18.01
N TYR B 21 13.59 11.76 -19.12
CA TYR B 21 12.69 12.72 -19.75
C TYR B 21 11.32 12.88 -19.09
N THR B 22 10.90 11.85 -18.33
CA THR B 22 9.60 11.89 -17.64
C THR B 22 9.55 13.01 -16.62
N ARG B 23 10.63 13.18 -15.86
CA ARG B 23 10.73 14.25 -14.87
C ARG B 23 11.25 15.56 -15.48
N ALA B 24 11.79 15.46 -16.70
CA ALA B 24 12.35 16.62 -17.41
C ALA B 24 11.31 17.37 -18.23
N THR B 25 10.21 16.70 -18.56
CA THR B 25 9.16 17.30 -19.36
C THR B 25 8.48 18.45 -18.61
N CYS B 26 7.86 19.35 -19.37
CA CYS B 26 7.21 20.52 -18.78
C CYS B 26 5.99 20.12 -17.97
N GLN B 27 6.13 20.12 -16.65
CA GLN B 27 5.01 19.86 -15.75
C GLN B 27 5.11 20.68 -14.47
N PRO B 28 4.04 20.68 -13.69
CA PRO B 28 4.07 21.31 -12.36
C PRO B 28 5.00 20.58 -11.40
N ARG B 29 5.91 21.32 -10.76
CA ARG B 29 6.91 20.74 -9.87
C ARG B 29 7.21 21.63 -8.67
N GLU B 30 7.70 21.02 -7.59
CA GLU B 30 8.05 21.74 -6.36
C GLU B 30 9.31 22.59 -6.55
N VAL B 31 9.16 23.90 -6.33
CA VAL B 31 10.26 24.86 -6.49
C VAL B 31 10.39 25.74 -5.25
N VAL B 32 11.62 25.87 -4.75
CA VAL B 32 11.91 26.75 -3.62
C VAL B 32 11.89 28.23 -4.04
N VAL B 33 11.10 29.03 -3.34
CA VAL B 33 10.99 30.45 -3.61
C VAL B 33 11.42 31.27 -2.38
N PRO B 34 12.55 32.00 -2.52
CA PRO B 34 13.05 32.88 -1.45
C PRO B 34 12.12 34.07 -1.23
N LEU B 35 11.72 34.27 0.03
CA LEU B 35 10.80 35.34 0.40
C LEU B 35 11.55 36.64 0.64
N THR B 36 11.24 37.65 -0.17
CA THR B 36 11.90 38.95 -0.08
C THR B 36 10.91 40.08 0.24
N VAL B 37 11.45 41.22 0.66
CA VAL B 37 10.67 42.41 0.96
C VAL B 37 10.12 43.06 -0.32
N GLU B 38 10.69 42.69 -1.46
CA GLU B 38 10.27 43.18 -2.76
C GLU B 38 9.15 42.34 -3.35
N LEU B 39 9.26 41.02 -3.18
CA LEU B 39 8.32 40.07 -3.77
C LEU B 39 6.98 39.99 -3.03
N MET B 40 7.02 40.02 -1.71
CA MET B 40 5.78 39.85 -0.92
C MET B 40 5.55 40.86 0.21
N GLY B 41 6.40 41.90 0.26
CA GLY B 41 6.19 43.02 1.17
C GLY B 41 6.74 42.89 2.58
N THR B 42 6.43 43.87 3.42
CA THR B 42 6.92 43.92 4.79
C THR B 42 5.78 43.95 5.81
N VAL B 43 5.80 42.99 6.73
CA VAL B 43 4.92 42.99 7.90
C VAL B 43 5.81 42.94 9.13
N ALA B 44 6.99 42.36 8.97
CA ALA B 44 7.98 42.25 10.02
C ALA B 44 9.40 42.41 9.44
N LYS B 45 10.42 42.32 10.29
CA LYS B 45 11.81 42.42 9.85
C LYS B 45 12.24 41.23 9.00
N GLN B 46 11.86 40.03 9.44
CA GLN B 46 12.12 38.79 8.71
C GLN B 46 11.11 37.71 9.11
N LEU B 47 10.72 36.89 8.15
CA LEU B 47 9.76 35.81 8.40
C LEU B 47 10.43 34.44 8.38
N VAL B 48 9.86 33.49 9.11
CA VAL B 48 10.42 32.14 9.23
C VAL B 48 9.36 31.07 8.89
N PRO B 49 9.67 30.17 7.94
CA PRO B 49 10.91 30.10 7.16
C PRO B 49 11.06 31.28 6.18
N SER B 50 12.30 31.62 5.86
CA SER B 50 12.60 32.74 4.95
C SER B 50 12.38 32.37 3.48
N CYS B 51 11.94 31.14 3.24
CA CYS B 51 11.63 30.65 1.90
C CYS B 51 10.51 29.61 1.97
N VAL B 52 9.78 29.44 0.87
CA VAL B 52 8.69 28.46 0.79
C VAL B 52 8.72 27.65 -0.50
N THR B 53 7.93 26.57 -0.52
CA THR B 53 7.82 25.70 -1.69
C THR B 53 6.43 25.74 -2.30
N VAL B 54 6.37 26.00 -3.60
CA VAL B 54 5.12 26.01 -4.36
C VAL B 54 5.27 25.27 -5.69
N GLN B 55 4.16 24.70 -6.17
CA GLN B 55 4.15 23.98 -7.44
C GLN B 55 4.19 24.94 -8.62
N ARG B 56 5.31 24.91 -9.35
CA ARG B 56 5.52 25.82 -10.47
C ARG B 56 5.83 25.07 -11.76
N CYS B 57 5.58 25.71 -12.90
CA CYS B 57 5.86 25.14 -14.21
C CYS B 57 7.35 25.20 -14.54
N GLY B 58 8.02 24.06 -14.41
CA GLY B 58 9.44 23.94 -14.72
C GLY B 58 9.71 22.82 -15.72
N GLY B 59 10.95 22.75 -16.17
CA GLY B 59 11.35 21.72 -17.14
C GLY B 59 11.59 22.30 -18.52
N CYS B 60 11.52 21.44 -19.53
CA CYS B 60 11.78 21.82 -20.91
C CYS B 60 10.99 20.99 -21.93
N CYS B 61 10.63 21.62 -23.04
CA CYS B 61 9.87 20.98 -24.11
C CYS B 61 10.80 20.20 -25.05
N PRO B 62 10.29 19.09 -25.65
CA PRO B 62 11.07 18.23 -26.53
C PRO B 62 11.68 18.97 -27.74
N ASP B 63 10.87 19.77 -28.43
CA ASP B 63 11.32 20.53 -29.58
C ASP B 63 11.68 21.96 -29.20
N ASP B 64 12.85 22.41 -29.64
CA ASP B 64 13.29 23.78 -29.40
C ASP B 64 12.50 24.74 -30.28
N GLY B 65 11.79 25.65 -29.62
CA GLY B 65 10.85 26.54 -30.30
C GLY B 65 9.50 26.51 -29.59
N LEU B 66 9.42 25.73 -28.52
CA LEU B 66 8.22 25.63 -27.70
C LEU B 66 8.56 25.98 -26.24
N GLU B 67 7.84 26.96 -25.71
CA GLU B 67 8.07 27.43 -24.34
C GLU B 67 7.22 26.69 -23.31
N CYS B 68 7.74 26.56 -22.09
CA CYS B 68 7.03 25.95 -20.98
C CYS B 68 6.28 27.00 -20.18
N VAL B 69 4.98 27.12 -20.46
CA VAL B 69 4.13 28.16 -19.85
C VAL B 69 2.90 27.58 -19.16
N PRO B 70 2.46 28.18 -18.03
CA PRO B 70 1.27 27.73 -17.33
C PRO B 70 -0.03 27.99 -18.08
N THR B 71 -0.96 27.04 -17.99
CA THR B 71 -2.29 27.20 -18.57
C THR B 71 -3.24 27.77 -17.53
N GLY B 72 -3.30 27.12 -16.37
CA GLY B 72 -4.10 27.57 -15.24
C GLY B 72 -3.28 27.68 -13.98
N GLN B 73 -3.64 28.63 -13.13
CA GLN B 73 -2.95 28.84 -11.85
C GLN B 73 -3.91 29.32 -10.76
N HIS B 74 -3.61 28.93 -9.52
CA HIS B 74 -4.41 29.33 -8.36
C HIS B 74 -3.53 29.75 -7.19
N GLN B 75 -3.86 30.89 -6.60
CA GLN B 75 -3.09 31.44 -5.48
C GLN B 75 -3.41 30.71 -4.17
N VAL B 76 -2.38 30.17 -3.54
CA VAL B 76 -2.53 29.45 -2.28
C VAL B 76 -2.02 30.27 -1.09
N ARG B 77 -2.66 30.09 0.06
CA ARG B 77 -2.26 30.78 1.29
C ARG B 77 -1.60 29.84 2.30
N MET B 78 -0.45 30.27 2.81
CA MET B 78 0.35 29.47 3.74
C MET B 78 0.54 30.18 5.07
N GLN B 79 0.58 29.39 6.15
CA GLN B 79 0.80 29.91 7.48
C GLN B 79 2.28 30.17 7.70
N ILE B 80 2.62 31.43 7.99
CA ILE B 80 4.00 31.86 8.15
C ILE B 80 4.23 32.52 9.52
N LEU B 81 5.40 32.28 10.10
CA LEU B 81 5.77 32.90 11.38
C LEU B 81 6.36 34.29 11.14
N MET B 82 5.62 35.31 11.57
CA MET B 82 6.05 36.70 11.40
C MET B 82 6.72 37.22 12.67
N ILE B 83 8.03 37.43 12.59
CA ILE B 83 8.83 37.90 13.72
C ILE B 83 8.66 39.40 13.93
N ARG B 84 7.67 39.76 14.74
CA ARG B 84 7.43 41.16 15.08
C ARG B 84 7.83 41.45 16.52
N TYR B 85 8.39 42.63 16.75
CA TYR B 85 8.96 42.98 18.05
C TYR B 85 7.98 43.38 19.17
N PRO B 86 6.86 44.07 18.83
CA PRO B 86 5.81 44.25 19.85
C PRO B 86 5.31 42.91 20.38
N SER B 87 4.96 42.00 19.47
CA SER B 87 4.59 40.63 19.80
C SER B 87 4.71 39.76 18.55
N SER B 88 5.55 38.73 18.63
CA SER B 88 5.74 37.80 17.52
C SER B 88 4.50 36.91 17.35
N GLN B 89 4.04 36.78 16.12
CA GLN B 89 2.82 36.02 15.82
C GLN B 89 2.96 35.13 14.58
N LEU B 90 2.19 34.04 14.59
CA LEU B 90 2.13 33.14 13.44
C LEU B 90 0.94 33.53 12.56
N GLY B 91 1.23 34.27 11.49
CA GLY B 91 0.19 34.79 10.60
C GLY B 91 0.02 34.02 9.31
N GLU B 92 -0.63 34.67 8.33
CA GLU B 92 -0.91 34.06 7.04
C GLU B 92 -0.36 34.89 5.89
N MET B 93 0.11 34.20 4.85
CA MET B 93 0.63 34.85 3.64
C MET B 93 0.12 34.12 2.40
N SER B 94 0.34 34.72 1.23
CA SER B 94 -0.17 34.15 -0.03
C SER B 94 0.83 34.26 -1.19
N LEU B 95 0.91 33.19 -1.99
CA LEU B 95 1.74 33.17 -3.20
C LEU B 95 0.99 32.51 -4.36
N GLU B 96 1.34 32.91 -5.58
CA GLU B 96 0.72 32.37 -6.79
C GLU B 96 1.31 30.99 -7.13
N GLU B 97 0.43 29.99 -7.19
CA GLU B 97 0.83 28.61 -7.48
C GLU B 97 0.24 28.14 -8.81
N HIS B 98 1.01 27.36 -9.56
CA HIS B 98 0.60 26.86 -10.87
C HIS B 98 -0.17 25.56 -10.77
N SER B 99 -1.15 25.38 -11.66
CA SER B 99 -2.00 24.18 -11.66
C SER B 99 -1.58 23.17 -12.73
N GLN B 100 -1.51 23.61 -13.98
CA GLN B 100 -1.11 22.75 -15.10
C GLN B 100 -0.37 23.55 -16.17
N CYS B 101 0.54 22.86 -16.87
CA CYS B 101 1.40 23.50 -17.88
C CYS B 101 1.25 22.85 -19.25
N GLU B 102 1.59 23.61 -20.30
CA GLU B 102 1.60 23.11 -21.68
C GLU B 102 2.78 23.66 -22.47
N CYS B 103 3.19 22.93 -23.50
CA CYS B 103 4.25 23.37 -24.41
C CYS B 103 3.67 24.13 -25.59
N ARG B 104 3.72 25.45 -25.51
CA ARG B 104 3.24 26.33 -26.57
C ARG B 104 4.41 26.89 -27.37
N PRO B 105 4.27 27.01 -28.70
CA PRO B 105 5.34 27.58 -29.53
C PRO B 105 5.67 29.02 -29.13
N LYS B 106 6.96 29.33 -29.01
CA LYS B 106 7.40 30.67 -28.62
C LYS B 106 7.13 31.70 -29.72
N LYS B 107 6.27 32.66 -29.42
CA LYS B 107 5.83 33.68 -30.38
C LYS B 107 6.91 34.70 -30.68
N LYS B 108 7.71 35.07 -29.80
N GLU C 1 10.04 30.81 35.60
CA GLU C 1 8.92 29.95 35.12
C GLU C 1 7.61 30.72 34.99
N ILE C 2 6.83 30.37 33.97
CA ILE C 2 5.49 30.92 33.80
C ILE C 2 4.49 29.79 34.00
N GLN C 3 3.90 29.75 35.20
CA GLN C 3 3.03 28.64 35.62
C GLN C 3 1.93 28.27 34.62
N MET C 4 1.93 27.01 34.23
CA MET C 4 0.90 26.46 33.34
C MET C 4 -0.08 25.65 34.17
N THR C 5 -1.28 26.21 34.36
CA THR C 5 -2.27 25.62 35.26
C THR C 5 -3.35 24.85 34.51
N GLN C 6 -3.39 23.54 34.75
CA GLN C 6 -4.45 22.67 34.24
C GLN C 6 -5.17 22.08 35.44
N THR C 7 -6.32 22.67 35.77
CA THR C 7 -6.99 22.43 37.07
C THR C 7 -7.96 21.25 37.06
N THR C 8 -7.71 20.26 36.20
CA THR C 8 -8.50 19.03 36.17
C THR C 8 -7.67 17.81 35.78
N SER C 9 -7.88 16.71 36.49
CA SER C 9 -7.18 15.45 36.22
C SER C 9 -8.16 14.35 35.84
N SER C 10 -9.12 14.08 36.71
CA SER C 10 -10.13 13.06 36.47
C SER C 10 -11.23 13.58 35.55
N LEU C 11 -11.39 12.92 34.40
CA LEU C 11 -12.41 13.31 33.42
C LEU C 11 -12.98 12.08 32.72
N SER C 12 -14.27 11.84 32.91
CA SER C 12 -14.95 10.69 32.33
C SER C 12 -16.22 11.12 31.59
N ALA C 13 -16.30 10.75 30.32
CA ALA C 13 -17.44 11.11 29.47
C ALA C 13 -17.80 9.99 28.49
N SER C 14 -19.09 9.91 28.15
CA SER C 14 -19.60 8.89 27.24
C SER C 14 -19.16 9.12 25.79
N LEU C 15 -19.33 8.09 24.95
CA LEU C 15 -18.92 8.13 23.55
C LEU C 15 -19.73 9.13 22.73
N GLY C 16 -19.03 9.91 21.91
CA GLY C 16 -19.66 10.90 21.05
C GLY C 16 -20.12 12.14 21.78
N ASP C 17 -19.33 12.57 22.77
CA ASP C 17 -19.65 13.74 23.57
C ASP C 17 -18.66 14.88 23.35
N ARG C 18 -19.17 16.11 23.42
CA ARG C 18 -18.34 17.31 23.33
C ARG C 18 -17.58 17.49 24.64
N VAL C 19 -16.27 17.22 24.59
CA VAL C 19 -15.41 17.25 25.78
C VAL C 19 -14.42 18.40 25.70
N THR C 20 -14.42 19.24 26.74
CA THR C 20 -13.55 20.42 26.79
C THR C 20 -12.50 20.28 27.89
N ILE C 21 -11.23 20.39 27.49
CA ILE C 21 -10.10 20.35 28.42
C ILE C 21 -9.40 21.71 28.37
N SER C 22 -9.44 22.42 29.50
CA SER C 22 -8.98 23.82 29.54
C SER C 22 -7.66 24.02 30.28
N CYS C 23 -7.01 25.14 29.97
CA CYS C 23 -5.76 25.56 30.61
C CYS C 23 -5.72 27.07 30.82
N ARG C 24 -5.14 27.48 31.94
CA ARG C 24 -4.94 28.90 32.25
C ARG C 24 -3.48 29.21 32.59
N ALA C 25 -3.05 30.42 32.22
CA ALA C 25 -1.66 30.84 32.41
C ALA C 25 -1.54 31.98 33.43
N SER C 26 -0.30 32.28 33.82
CA SER C 26 -0.01 33.38 34.74
C SER C 26 -0.15 34.74 34.05
N GLN C 27 0.14 34.77 32.75
CA GLN C 27 0.10 36.00 31.96
C GLN C 27 -0.27 35.73 30.50
N ASP C 28 -0.34 36.79 29.70
CA ASP C 28 -0.67 36.69 28.28
C ASP C 28 0.49 36.07 27.49
N ILE C 29 0.26 34.88 26.96
CA ILE C 29 1.25 34.18 26.15
C ILE C 29 1.06 34.43 24.65
N SER C 30 0.09 35.28 24.31
CA SER C 30 -0.19 35.73 22.94
C SER C 30 -0.42 34.59 21.94
N ASN C 31 -1.26 33.64 22.33
CA ASN C 31 -1.62 32.53 21.45
C ASN C 31 -0.45 31.61 21.14
N PHE C 32 0.46 31.50 22.10
CA PHE C 32 1.42 30.40 22.11
C PHE C 32 1.01 29.33 23.12
N LEU C 33 0.30 28.31 22.65
CA LEU C 33 -0.01 27.16 23.49
C LEU C 33 -0.15 25.89 22.64
N ASN C 34 0.46 24.80 23.11
CA ASN C 34 0.44 23.54 22.38
C ASN C 34 -0.27 22.44 23.17
N TRP C 35 -1.00 21.58 22.47
CA TRP C 35 -1.68 20.44 23.08
C TRP C 35 -1.03 19.13 22.69
N TYR C 36 -0.60 18.36 23.69
CA TYR C 36 0.08 17.07 23.46
C TYR C 36 -0.74 15.90 23.98
N GLN C 37 -0.68 14.79 23.25
CA GLN C 37 -1.43 13.58 23.58
C GLN C 37 -0.50 12.47 24.03
N GLN C 38 -0.46 12.20 25.33
CA GLN C 38 0.30 11.08 25.87
C GLN C 38 -0.61 9.87 26.10
N LYS C 39 -0.50 8.89 25.20
CA LYS C 39 -1.23 7.63 25.30
C LYS C 39 -0.70 6.79 26.47
N PRO C 40 -1.54 5.89 27.02
CA PRO C 40 -1.19 5.10 28.21
C PRO C 40 0.17 4.39 28.16
N ASP C 41 0.67 4.12 26.96
CA ASP C 41 1.95 3.44 26.79
C ASP C 41 3.16 4.38 26.82
N GLY C 42 2.91 5.68 26.97
CA GLY C 42 3.97 6.68 27.09
C GLY C 42 4.40 7.32 25.79
N THR C 43 3.54 7.23 24.77
CA THR C 43 3.80 7.85 23.47
C THR C 43 3.16 9.24 23.38
N VAL C 44 4.00 10.26 23.24
CA VAL C 44 3.54 11.65 23.19
C VAL C 44 3.54 12.16 21.75
N LYS C 45 2.43 12.75 21.34
CA LYS C 45 2.32 13.36 20.01
C LYS C 45 1.59 14.69 20.08
N LEU C 46 1.96 15.60 19.19
CA LEU C 46 1.40 16.95 19.20
C LEU C 46 0.13 17.02 18.35
N LEU C 47 -0.96 17.46 18.96
CA LEU C 47 -2.26 17.48 18.30
C LEU C 47 -2.55 18.85 17.70
N ILE C 48 -2.54 19.88 18.56
CA ILE C 48 -2.79 21.25 18.12
C ILE C 48 -1.76 22.20 18.71
N TYR C 49 -1.03 22.91 17.85
CA TYR C 49 0.23 23.53 18.22
C TYR C 49 0.07 25.04 18.36
N TYR C 50 -1.04 25.57 17.84
CA TYR C 50 -1.39 26.97 18.06
C TYR C 50 -2.75 27.09 18.74
N THR C 51 -3.40 28.24 18.57
CA THR C 51 -4.78 28.41 18.96
C THR C 51 -5.65 27.26 18.46
N SER C 52 -5.80 27.17 17.14
CA SER C 52 -6.54 26.08 16.52
C SER C 52 -5.94 25.68 15.18
N THR C 53 -4.81 24.98 15.23
CA THR C 53 -4.16 24.48 14.01
C THR C 53 -3.68 23.04 14.21
N LEU C 54 -4.10 22.17 13.29
CA LEU C 54 -3.87 20.72 13.42
C LEU C 54 -2.52 20.25 12.90
N HIS C 55 -2.02 19.17 13.53
CA HIS C 55 -0.82 18.48 13.06
C HIS C 55 -1.20 17.55 11.91
N SER C 56 -0.22 17.14 11.12
CA SER C 56 -0.42 16.22 10.01
C SER C 56 -0.88 14.84 10.49
N GLY C 57 -2.11 14.47 10.12
CA GLY C 57 -2.68 13.18 10.49
C GLY C 57 -3.47 13.21 11.79
N VAL C 58 -4.19 14.30 12.02
CA VAL C 58 -5.02 14.47 13.20
C VAL C 58 -6.47 14.74 12.78
N PRO C 59 -7.43 13.93 13.30
CA PRO C 59 -8.86 14.10 13.01
C PRO C 59 -9.36 15.51 13.31
N SER C 60 -10.33 15.97 12.52
CA SER C 60 -10.89 17.32 12.66
C SER C 60 -11.73 17.49 13.93
N ARG C 61 -11.97 16.38 14.63
CA ARG C 61 -12.72 16.37 15.89
C ARG C 61 -12.06 17.23 16.96
N PHE C 62 -10.73 17.16 17.03
CA PHE C 62 -9.94 17.98 17.96
C PHE C 62 -9.95 19.44 17.51
N SER C 63 -10.68 20.27 18.27
CA SER C 63 -10.80 21.69 17.98
C SER C 63 -10.08 22.52 19.04
N GLY C 64 -9.18 23.38 18.58
CA GLY C 64 -8.46 24.28 19.46
C GLY C 64 -9.25 25.56 19.69
N SER C 65 -9.05 26.17 20.85
CA SER C 65 -9.75 27.40 21.22
C SER C 65 -9.06 28.16 22.35
N GLY C 66 -9.48 29.39 22.58
CA GLY C 66 -8.95 30.21 23.66
C GLY C 66 -7.95 31.25 23.18
N SER C 67 -8.10 32.48 23.69
CA SER C 67 -7.20 33.57 23.33
C SER C 67 -6.90 34.45 24.54
N GLY C 68 -5.60 34.68 24.79
CA GLY C 68 -5.15 35.51 25.90
C GLY C 68 -4.40 34.71 26.95
N THR C 69 -5.09 34.36 28.03
CA THR C 69 -4.51 33.56 29.12
C THR C 69 -5.20 32.21 29.26
N ASP C 70 -6.44 32.11 28.79
CA ASP C 70 -7.22 30.88 28.84
C ASP C 70 -7.26 30.19 27.48
N TYR C 71 -6.97 28.88 27.48
CA TYR C 71 -6.93 28.10 26.25
C TYR C 71 -7.54 26.71 26.50
N SER C 72 -8.34 26.23 25.55
CA SER C 72 -9.04 24.97 25.73
C SER C 72 -9.03 24.06 24.51
N LEU C 73 -8.74 22.77 24.75
CA LEU C 73 -8.85 21.74 23.74
C LEU C 73 -10.27 21.17 23.75
N THR C 74 -10.86 21.02 22.57
CA THR C 74 -12.25 20.57 22.46
C THR C 74 -12.40 19.38 21.51
N ILE C 75 -12.75 18.23 22.07
CA ILE C 75 -13.05 17.05 21.28
C ILE C 75 -14.56 17.04 20.98
N SER C 76 -14.89 17.24 19.71
CA SER C 76 -16.29 17.31 19.26
C SER C 76 -16.98 15.94 19.38
N ASN C 77 -16.32 14.92 18.84
CA ASN C 77 -16.84 13.56 18.86
C ASN C 77 -15.83 12.61 19.52
N LEU C 78 -16.07 12.32 20.80
CA LEU C 78 -15.18 11.45 21.57
C LEU C 78 -15.34 9.98 21.19
N GLU C 79 -14.21 9.28 21.08
CA GLU C 79 -14.19 7.86 20.75
C GLU C 79 -13.27 7.06 21.68
N GLN C 80 -13.19 5.76 21.44
CA GLN C 80 -12.37 4.85 22.27
C GLN C 80 -10.87 4.99 21.99
N GLU C 81 -10.53 5.62 20.87
CA GLU C 81 -9.13 5.81 20.48
C GLU C 81 -8.57 7.14 21.01
N ASP C 82 -9.32 7.79 21.89
CA ASP C 82 -8.93 9.09 22.46
C ASP C 82 -8.55 9.00 23.94
N ILE C 83 -8.44 7.79 24.47
CA ILE C 83 -8.05 7.57 25.86
C ILE C 83 -6.59 7.97 26.07
N ALA C 84 -6.40 9.15 26.66
CA ALA C 84 -5.06 9.70 26.91
C ALA C 84 -5.09 10.87 27.89
N THR C 85 -3.94 11.15 28.49
CA THR C 85 -3.78 12.32 29.36
C THR C 85 -3.24 13.49 28.53
N TYR C 86 -4.04 14.54 28.41
CA TYR C 86 -3.69 15.68 27.55
C TYR C 86 -3.00 16.80 28.32
N PHE C 87 -1.89 17.28 27.76
CA PHE C 87 -1.08 18.32 28.38
C PHE C 87 -1.09 19.61 27.54
N CYS C 88 -0.94 20.75 28.22
CA CYS C 88 -0.79 22.03 27.55
C CYS C 88 0.57 22.65 27.86
N GLN C 89 1.20 23.23 26.84
CA GLN C 89 2.54 23.80 26.97
C GLN C 89 2.66 25.18 26.31
N GLN C 90 3.09 26.15 27.11
CA GLN C 90 3.26 27.53 26.63
C GLN C 90 4.55 27.67 25.81
N GLY C 91 4.54 28.61 24.86
CA GLY C 91 5.67 28.83 23.98
C GLY C 91 6.11 30.27 23.83
N LYS C 92 5.58 31.15 24.68
CA LYS C 92 5.91 32.58 24.63
C LYS C 92 7.35 32.82 25.07
N THR C 93 7.73 32.21 26.19
CA THR C 93 9.10 32.34 26.72
C THR C 93 9.55 31.08 27.46
N LEU C 94 10.83 30.75 27.32
CA LEU C 94 11.42 29.62 28.03
C LEU C 94 11.68 29.96 29.49
N PRO C 95 11.73 28.92 30.32
CA PRO C 95 11.56 27.55 29.86
C PRO C 95 10.18 27.33 29.25
N PRO C 96 9.98 26.18 28.62
CA PRO C 96 8.65 25.77 28.15
C PRO C 96 7.88 25.01 29.23
N THR C 97 6.81 25.60 29.72
CA THR C 97 6.15 25.11 30.93
C THR C 97 4.96 24.22 30.60
N PHE C 98 4.95 23.02 31.17
CA PHE C 98 3.85 22.09 30.96
C PHE C 98 2.89 22.11 32.14
N GLY C 99 1.63 21.74 31.89
CA GLY C 99 0.62 21.65 32.93
C GLY C 99 0.42 20.21 33.39
N GLY C 100 -0.46 20.03 34.39
CA GLY C 100 -0.82 18.70 34.88
C GLY C 100 -1.71 17.97 33.91
N GLY C 101 -1.62 16.64 33.90
CA GLY C 101 -2.36 15.83 32.95
C GLY C 101 -3.84 15.76 33.29
N THR C 102 -4.67 15.78 32.24
CA THR C 102 -6.06 15.34 32.37
C THR C 102 -6.24 13.91 31.87
N LYS C 103 -6.57 13.01 32.79
CA LYS C 103 -6.73 11.60 32.45
C LYS C 103 -8.12 11.33 31.88
N LEU C 104 -8.22 11.24 30.57
CA LEU C 104 -9.50 11.10 29.88
C LEU C 104 -9.94 9.63 29.87
N GLU C 105 -10.93 9.31 30.70
CA GLU C 105 -11.52 7.97 30.70
C GLU C 105 -12.87 8.04 30.01
N ILE C 106 -13.36 6.90 29.54
CA ILE C 106 -14.63 6.86 28.80
C ILE C 106 -15.75 6.14 29.57
N LYS C 107 -16.89 6.81 29.67
CA LYS C 107 -18.03 6.30 30.43
C LYS C 107 -18.75 5.16 29.71
N ARG C 108 -19.01 4.09 30.45
CA ARG C 108 -19.78 2.95 29.94
C ARG C 108 -20.67 2.37 31.03
N ALA C 109 -21.41 1.32 30.69
CA ALA C 109 -22.28 0.62 31.65
C ALA C 109 -21.45 -0.14 32.69
N ASP C 110 -21.89 -0.09 33.93
CA ASP C 110 -21.20 -0.76 35.05
C ASP C 110 -21.25 -2.27 34.90
N ALA C 111 -20.07 -2.89 34.99
CA ALA C 111 -19.94 -4.34 34.82
C ALA C 111 -19.34 -5.01 36.05
N ALA C 112 -19.93 -6.15 36.43
CA ALA C 112 -19.46 -6.94 37.56
C ALA C 112 -18.20 -7.73 37.22
N PRO C 113 -17.18 -7.70 38.10
CA PRO C 113 -15.92 -8.39 37.84
C PRO C 113 -16.04 -9.91 37.90
N THR C 114 -15.33 -10.59 37.01
CA THR C 114 -15.27 -12.05 37.01
C THR C 114 -14.07 -12.51 37.84
N VAL C 115 -14.36 -13.06 39.01
CA VAL C 115 -13.32 -13.43 39.99
C VAL C 115 -12.85 -14.87 39.77
N SER C 116 -11.54 -15.06 39.80
CA SER C 116 -10.94 -16.39 39.70
C SER C 116 -9.71 -16.50 40.60
N ILE C 117 -9.81 -17.39 41.59
CA ILE C 117 -8.69 -17.64 42.50
C ILE C 117 -7.76 -18.70 41.92
N PHE C 118 -6.47 -18.61 42.25
CA PHE C 118 -5.47 -19.56 41.75
C PHE C 118 -4.47 -19.95 42.84
N PRO C 119 -4.47 -21.25 43.21
CA PRO C 119 -3.55 -21.79 44.21
C PRO C 119 -2.10 -21.78 43.72
N PRO C 120 -1.13 -21.67 44.65
CA PRO C 120 0.29 -21.71 44.30
C PRO C 120 0.64 -22.94 43.48
N SER C 121 1.36 -22.74 42.39
CA SER C 121 1.74 -23.82 41.48
C SER C 121 2.69 -24.82 42.13
N SER C 122 2.65 -26.06 41.66
CA SER C 122 3.52 -27.13 42.15
C SER C 122 5.00 -26.84 41.90
N GLU C 123 5.26 -25.99 40.90
CA GLU C 123 6.61 -25.53 40.59
C GLU C 123 7.14 -24.57 41.66
N GLN C 124 6.23 -23.76 42.21
CA GLN C 124 6.59 -22.78 43.24
C GLN C 124 6.74 -23.43 44.61
N LEU C 125 5.87 -24.39 44.91
CA LEU C 125 5.85 -25.07 46.22
C LEU C 125 7.09 -25.92 46.47
N THR C 126 7.75 -26.35 45.39
CA THR C 126 8.99 -27.12 45.49
C THR C 126 10.21 -26.22 45.72
N SER C 127 10.03 -24.92 45.53
CA SER C 127 11.11 -23.95 45.68
C SER C 127 11.19 -23.39 47.11
N GLY C 128 10.05 -23.36 47.80
CA GLY C 128 10.00 -22.86 49.18
C GLY C 128 9.04 -21.71 49.39
N GLY C 129 8.41 -21.26 48.31
CA GLY C 129 7.46 -20.15 48.36
C GLY C 129 6.06 -20.54 47.94
N ALA C 130 5.08 -19.76 48.38
CA ALA C 130 3.68 -19.99 48.03
C ALA C 130 2.95 -18.67 47.80
N SER C 131 2.39 -18.51 46.60
CA SER C 131 1.68 -17.29 46.24
C SER C 131 0.29 -17.58 45.66
N VAL C 132 -0.75 -17.05 46.30
CA VAL C 132 -2.11 -17.22 45.83
C VAL C 132 -2.54 -15.98 45.03
N VAL C 133 -2.80 -16.20 43.75
CA VAL C 133 -3.17 -15.11 42.84
C VAL C 133 -4.68 -15.12 42.59
N CYS C 134 -5.30 -13.95 42.72
CA CYS C 134 -6.74 -13.79 42.54
C CYS C 134 -7.04 -12.68 41.54
N PHE C 135 -7.41 -13.07 40.33
CA PHE C 135 -7.69 -12.10 39.27
C PHE C 135 -9.11 -11.56 39.38
N LEU C 136 -9.25 -10.25 39.25
CA LEU C 136 -10.52 -9.64 38.86
C LEU C 136 -10.38 -8.85 37.58
N ASN C 137 -11.15 -9.23 36.56
CA ASN C 137 -10.62 -9.33 35.20
C ASN C 137 -11.15 -8.21 34.31
N ASN C 138 -12.43 -7.92 34.42
CA ASN C 138 -13.00 -6.70 33.86
C ASN C 138 -14.09 -6.10 34.74
N PHE C 139 -13.98 -4.81 35.03
CA PHE C 139 -14.94 -4.12 35.86
C PHE C 139 -14.92 -2.61 35.61
N TYR C 140 -16.05 -1.96 35.84
CA TYR C 140 -16.13 -0.51 35.73
C TYR C 140 -17.20 0.05 36.67
N PRO C 141 -16.79 0.95 37.56
CA PRO C 141 -15.60 1.78 37.33
C PRO C 141 -14.37 1.32 38.10
N LYS C 142 -13.31 2.13 38.09
CA LYS C 142 -12.05 1.81 38.76
C LYS C 142 -12.10 2.16 40.25
N GLU C 143 -13.08 1.59 40.95
CA GLU C 143 -13.21 1.72 42.40
C GLU C 143 -13.49 0.35 43.03
N ILE C 144 -12.47 -0.51 43.00
CA ILE C 144 -12.59 -1.88 43.49
C ILE C 144 -11.92 -2.05 44.86
N ASN C 145 -12.42 -3.02 45.64
CA ASN C 145 -11.86 -3.36 46.94
C ASN C 145 -11.64 -4.87 47.07
N VAL C 146 -10.43 -5.25 47.48
CA VAL C 146 -10.09 -6.66 47.65
C VAL C 146 -9.75 -6.94 49.12
N LYS C 147 -10.19 -8.11 49.60
CA LYS C 147 -9.91 -8.54 50.96
C LYS C 147 -9.62 -10.03 51.03
N TRP C 148 -8.42 -10.37 51.48
CA TRP C 148 -8.02 -11.77 51.64
C TRP C 148 -8.43 -12.29 53.02
N LYS C 149 -8.97 -13.52 53.04
CA LYS C 149 -9.34 -14.17 54.28
C LYS C 149 -8.78 -15.58 54.38
N ILE C 150 -7.70 -15.72 55.15
CA ILE C 150 -7.06 -17.01 55.41
C ILE C 150 -7.75 -17.69 56.60
N ASP C 151 -8.42 -18.79 56.30
CA ASP C 151 -9.25 -19.53 57.29
C ASP C 151 -10.26 -18.65 58.01
N GLY C 152 -10.84 -17.69 57.28
CA GLY C 152 -11.81 -16.74 57.84
C GLY C 152 -11.18 -15.45 58.33
N SER C 153 -9.91 -15.52 58.74
CA SER C 153 -9.19 -14.38 59.28
C SER C 153 -8.48 -13.58 58.19
N GLU C 154 -8.57 -12.25 58.29
CA GLU C 154 -8.06 -11.33 57.26
C GLU C 154 -6.53 -11.27 57.23
N ARG C 155 -5.98 -11.17 56.03
CA ARG C 155 -4.54 -10.98 55.82
C ARG C 155 -4.29 -9.70 55.01
N GLN C 156 -3.36 -8.88 55.50
CA GLN C 156 -3.03 -7.61 54.85
C GLN C 156 -1.61 -7.57 54.26
N ASN C 157 -0.67 -8.24 54.94
CA ASN C 157 0.71 -8.28 54.47
C ASN C 157 0.93 -9.34 53.38
N GLY C 158 1.75 -8.98 52.39
CA GLY C 158 2.04 -9.86 51.26
C GLY C 158 1.10 -9.66 50.08
N VAL C 159 0.05 -8.85 50.30
CA VAL C 159 -0.93 -8.56 49.26
C VAL C 159 -0.39 -7.52 48.29
N LEU C 160 -0.35 -7.88 47.00
CA LEU C 160 0.08 -6.98 45.95
C LEU C 160 -1.08 -6.69 45.00
N ASP C 161 -1.46 -5.42 44.92
CA ASP C 161 -2.61 -5.01 44.11
C ASP C 161 -2.19 -4.11 42.95
N SER C 162 -2.28 -4.66 41.73
CA SER C 162 -1.91 -3.94 40.52
C SER C 162 -3.09 -3.81 39.56
N TRP C 163 -3.31 -2.59 39.06
CA TRP C 163 -4.42 -2.29 38.16
C TRP C 163 -3.96 -2.12 36.71
N THR C 164 -4.78 -2.59 35.77
CA THR C 164 -4.57 -2.30 34.35
C THR C 164 -5.21 -0.97 33.98
N GLU C 165 -4.65 -0.32 32.97
CA GLU C 165 -5.15 0.97 32.49
C GLU C 165 -6.47 0.82 31.74
N GLN C 166 -7.11 1.95 31.43
CA GLN C 166 -8.39 1.96 30.70
C GLN C 166 -8.27 1.24 29.36
N ASP C 167 -9.14 0.25 29.16
CA ASP C 167 -9.12 -0.58 27.97
C ASP C 167 -9.64 0.18 26.75
N SER C 168 -8.98 -0.01 25.62
CA SER C 168 -9.36 0.65 24.37
C SER C 168 -10.40 -0.15 23.58
N LYS C 169 -10.57 -1.41 23.95
CA LYS C 169 -11.47 -2.32 23.25
C LYS C 169 -12.90 -2.30 23.80
N ASP C 170 -13.04 -2.57 25.10
CA ASP C 170 -14.35 -2.68 25.74
C ASP C 170 -14.49 -1.80 26.99
N SER C 171 -13.49 -0.94 27.23
CA SER C 171 -13.51 0.05 28.31
C SER C 171 -13.64 -0.57 29.71
N THR C 172 -12.98 -1.71 29.92
CA THR C 172 -13.06 -2.43 31.18
C THR C 172 -11.73 -2.48 31.92
N TYR C 173 -11.77 -2.17 33.22
CA TYR C 173 -10.59 -2.23 34.08
C TYR C 173 -10.45 -3.62 34.68
N SER C 174 -9.21 -4.00 34.99
CA SER C 174 -8.92 -5.29 35.63
C SER C 174 -7.77 -5.16 36.61
N MET C 175 -7.87 -5.86 37.73
CA MET C 175 -6.79 -5.88 38.72
C MET C 175 -6.47 -7.30 39.21
N SER C 176 -5.22 -7.49 39.62
CA SER C 176 -4.76 -8.79 40.10
C SER C 176 -4.22 -8.69 41.53
N SER C 177 -4.86 -9.41 42.45
CA SER C 177 -4.44 -9.44 43.83
C SER C 177 -3.55 -10.66 44.09
N THR C 178 -2.26 -10.42 44.26
CA THR C 178 -1.29 -11.49 44.49
C THR C 178 -0.86 -11.54 45.95
N LEU C 179 -1.24 -12.62 46.62
CA LEU C 179 -0.88 -12.82 48.03
C LEU C 179 0.35 -13.71 48.16
N THR C 180 1.45 -13.11 48.59
CA THR C 180 2.71 -13.83 48.79
C THR C 180 2.84 -14.29 50.24
N LEU C 181 3.07 -15.58 50.41
CA LEU C 181 3.17 -16.19 51.74
C LEU C 181 4.37 -17.15 51.85
N THR C 182 4.74 -17.47 53.09
CA THR C 182 5.77 -18.47 53.34
C THR C 182 5.15 -19.87 53.36
N LYS C 183 5.88 -20.85 52.85
CA LYS C 183 5.40 -22.24 52.74
C LYS C 183 5.08 -22.84 54.12
N ASP C 184 5.89 -22.49 55.12
CA ASP C 184 5.73 -22.99 56.48
C ASP C 184 4.41 -22.54 57.12
N GLU C 185 3.94 -21.36 56.72
CA GLU C 185 2.65 -20.84 57.17
C GLU C 185 1.51 -21.29 56.25
N TYR C 186 1.83 -21.43 54.97
CA TYR C 186 0.83 -21.86 53.99
C TYR C 186 0.32 -23.27 54.30
N GLU C 187 1.14 -24.04 55.00
CA GLU C 187 0.85 -25.45 55.23
C GLU C 187 0.15 -25.66 56.58
N ARG C 188 0.14 -24.62 57.40
CA ARG C 188 -0.63 -24.62 58.64
C ARG C 188 -2.11 -24.36 58.36
N HIS C 189 -2.39 -23.71 57.23
CA HIS C 189 -3.66 -23.02 57.04
C HIS C 189 -4.40 -23.54 55.82
N ASN C 190 -5.69 -23.82 55.98
CA ASN C 190 -6.38 -24.78 55.13
C ASN C 190 -7.16 -24.10 54.01
N SER C 191 -8.04 -23.19 54.36
CA SER C 191 -9.18 -22.83 53.52
C SER C 191 -9.25 -21.33 53.27
N TYR C 192 -8.90 -20.92 52.06
CA TYR C 192 -8.64 -19.52 51.77
C TYR C 192 -9.86 -18.85 51.13
N THR C 193 -9.92 -17.53 51.23
CA THR C 193 -11.05 -16.77 50.70
C THR C 193 -10.59 -15.46 50.04
N CYS C 194 -11.02 -15.25 48.80
CA CYS C 194 -10.74 -14.02 48.08
C CYS C 194 -12.02 -13.19 47.93
N GLU C 195 -12.21 -12.25 48.84
CA GLU C 195 -13.38 -11.36 48.82
C GLU C 195 -13.16 -10.16 47.91
N ALA C 196 -14.24 -9.67 47.31
CA ALA C 196 -14.19 -8.51 46.43
C ALA C 196 -15.43 -7.64 46.58
N THR C 197 -15.21 -6.37 46.93
CA THR C 197 -16.29 -5.40 47.10
C THR C 197 -16.27 -4.38 45.97
N HIS C 198 -17.42 -4.22 45.31
CA HIS C 198 -17.55 -3.30 44.17
C HIS C 198 -18.91 -2.61 44.17
N LYS C 199 -19.14 -1.76 43.15
CA LYS C 199 -20.36 -0.97 43.05
C LYS C 199 -21.54 -1.75 42.47
N THR C 200 -21.25 -2.83 41.77
CA THR C 200 -22.29 -3.64 41.10
C THR C 200 -23.17 -4.44 42.06
N SER C 201 -22.65 -4.72 43.26
CA SER C 201 -23.38 -5.47 44.28
C SER C 201 -23.01 -5.05 45.69
N THR C 202 -24.00 -5.04 46.58
CA THR C 202 -23.77 -4.78 48.01
C THR C 202 -23.14 -5.99 48.69
N SER C 203 -23.53 -7.19 48.23
CA SER C 203 -22.95 -8.43 48.72
C SER C 203 -21.62 -8.69 48.03
N PRO C 204 -20.54 -8.87 48.83
CA PRO C 204 -19.20 -9.10 48.28
C PRO C 204 -19.10 -10.43 47.52
N ILE C 205 -18.62 -10.36 46.28
CA ILE C 205 -18.44 -11.56 45.46
C ILE C 205 -17.23 -12.37 45.97
N VAL C 206 -17.51 -13.63 46.32
CA VAL C 206 -16.54 -14.48 47.00
C VAL C 206 -16.12 -15.69 46.16
N LYS C 207 -14.81 -15.86 46.01
CA LYS C 207 -14.24 -17.05 45.39
C LYS C 207 -13.25 -17.70 46.36
N SER C 208 -13.65 -18.84 46.91
CA SER C 208 -12.89 -19.52 47.97
C SER C 208 -12.66 -20.99 47.67
N PHE C 209 -11.49 -21.48 48.08
CA PHE C 209 -11.15 -22.90 47.90
C PHE C 209 -10.45 -23.45 49.14
N ASN C 210 -10.57 -24.76 49.34
CA ASN C 210 -9.87 -25.43 50.44
C ASN C 210 -8.50 -25.95 50.02
N ARG C 211 -7.59 -26.04 50.97
CA ARG C 211 -6.16 -26.07 50.67
C ARG C 211 -5.62 -27.50 50.70
N ASN C 212 -6.35 -28.39 51.35
CA ASN C 212 -6.82 -29.61 50.70
C ASN C 212 -7.84 -29.33 49.61
N GLU C 213 -7.78 -30.11 48.53
CA GLU C 213 -8.67 -29.91 47.38
C GLU C 213 -10.08 -30.42 47.69
N CYS C 214 -10.99 -29.50 47.98
CA CYS C 214 -12.35 -29.86 48.34
C CYS C 214 -13.09 -30.47 47.15
N GLN D 1 7.70 8.83 8.17
CA GLN D 1 9.14 8.45 8.19
C GLN D 1 10.02 9.56 8.78
N VAL D 2 9.67 9.97 10.00
CA VAL D 2 10.43 10.98 10.74
C VAL D 2 10.31 10.69 12.25
N GLN D 3 11.27 9.93 12.77
CA GLN D 3 11.23 9.42 14.14
C GLN D 3 12.52 9.65 14.92
N LEU D 4 12.42 9.55 16.24
CA LEU D 4 13.57 9.68 17.14
C LEU D 4 13.70 8.43 18.00
N GLN D 5 14.91 7.85 18.01
CA GLN D 5 15.16 6.61 18.74
C GLN D 5 15.76 6.84 20.12
N GLN D 6 15.13 6.24 21.13
CA GLN D 6 15.62 6.27 22.51
C GLN D 6 15.58 4.87 23.10
N PRO D 7 16.70 4.39 23.66
CA PRO D 7 16.72 3.10 24.34
C PRO D 7 15.75 3.07 25.52
N GLY D 8 14.61 2.42 25.33
CA GLY D 8 13.51 2.41 26.31
C GLY D 8 13.88 2.11 27.75
N THR D 9 14.95 1.35 27.94
CA THR D 9 15.43 0.98 29.28
C THR D 9 16.88 1.41 29.53
N GLU D 10 17.14 1.86 30.76
CA GLU D 10 18.48 2.26 31.18
C GLU D 10 18.63 2.08 32.69
N LEU D 11 19.76 1.52 33.11
CA LEU D 11 20.01 1.24 34.52
C LEU D 11 21.40 1.71 34.96
N VAL D 12 21.44 2.43 36.07
CA VAL D 12 22.69 2.87 36.71
C VAL D 12 22.59 2.83 38.23
N LYS D 13 23.74 2.66 38.88
CA LYS D 13 23.84 2.74 40.34
C LYS D 13 23.90 4.20 40.78
N PRO D 14 23.34 4.51 41.98
CA PRO D 14 23.35 5.89 42.49
C PRO D 14 24.75 6.50 42.56
N GLY D 15 24.87 7.73 42.06
CA GLY D 15 26.15 8.43 42.01
C GLY D 15 26.73 8.52 40.61
N ALA D 16 26.37 7.54 39.77
CA ALA D 16 26.91 7.44 38.40
C ALA D 16 26.23 8.41 37.43
N SER D 17 26.63 8.32 36.16
CA SER D 17 26.14 9.21 35.12
C SER D 17 25.69 8.46 33.86
N VAL D 18 24.69 9.01 33.17
CA VAL D 18 24.17 8.42 31.93
C VAL D 18 24.30 9.37 30.75
N LYS D 19 24.76 8.84 29.62
CA LYS D 19 24.76 9.57 28.36
C LYS D 19 23.60 9.06 27.50
N LEU D 20 22.44 9.70 27.66
CA LEU D 20 21.22 9.31 26.96
C LEU D 20 21.30 9.58 25.46
N SER D 21 20.65 8.73 24.68
CA SER D 21 20.72 8.82 23.21
C SER D 21 19.39 9.24 22.58
N CYS D 22 19.48 10.11 21.58
CA CYS D 22 18.33 10.54 20.78
C CYS D 22 18.69 10.50 19.31
N LYS D 23 18.62 9.31 18.72
CA LYS D 23 18.97 9.08 17.32
C LYS D 23 17.92 9.68 16.38
N ALA D 24 18.34 10.67 15.61
CA ALA D 24 17.46 11.34 14.66
C ALA D 24 17.60 10.74 13.26
N SER D 25 16.47 10.43 12.64
CA SER D 25 16.43 9.84 11.31
C SER D 25 15.18 10.23 10.53
N GLY D 26 15.36 10.51 9.24
CA GLY D 26 14.24 10.85 8.35
C GLY D 26 14.13 12.32 7.98
N TYR D 27 15.01 13.14 8.54
CA TYR D 27 15.00 14.59 8.31
C TYR D 27 16.40 15.20 8.48
N THR D 28 16.50 16.50 8.20
CA THR D 28 17.75 17.23 8.39
C THR D 28 17.95 17.51 9.88
N PHE D 29 18.88 16.77 10.48
CA PHE D 29 19.15 16.83 11.93
C PHE D 29 19.53 18.22 12.41
N THR D 30 20.36 18.92 11.65
CA THR D 30 20.90 20.23 12.03
C THR D 30 19.94 21.41 11.78
N GLY D 31 18.67 21.10 11.51
CA GLY D 31 17.69 22.14 11.20
C GLY D 31 16.62 22.37 12.26
N PHE D 32 16.57 21.50 13.27
CA PHE D 32 15.55 21.56 14.30
C PHE D 32 16.15 21.41 15.70
N TRP D 33 15.61 22.17 16.65
CA TRP D 33 16.01 22.05 18.06
C TRP D 33 15.64 20.70 18.64
N ILE D 34 16.51 20.14 19.47
CA ILE D 34 16.24 18.87 20.14
C ILE D 34 16.03 19.07 21.64
N HIS D 35 14.78 18.93 22.06
CA HIS D 35 14.38 19.11 23.46
C HIS D 35 14.57 17.85 24.28
N TRP D 36 14.58 18.01 25.61
CA TRP D 36 14.65 16.90 26.54
C TRP D 36 13.71 17.15 27.72
N VAL D 37 12.77 16.23 27.94
CA VAL D 37 11.73 16.40 28.96
C VAL D 37 11.75 15.25 29.98
N LYS D 38 11.59 15.60 31.25
CA LYS D 38 11.58 14.63 32.36
C LYS D 38 10.15 14.36 32.84
N GLN D 39 9.86 13.10 33.16
CA GLN D 39 8.58 12.72 33.74
C GLN D 39 8.72 11.64 34.81
N ARG D 40 8.44 12.02 36.05
CA ARG D 40 8.39 11.09 37.18
C ARG D 40 7.10 10.27 37.12
N PRO D 41 7.11 9.05 37.71
CA PRO D 41 5.94 8.16 37.68
C PRO D 41 4.62 8.85 38.03
N GLY D 42 3.85 9.20 36.99
CA GLY D 42 2.54 9.83 37.15
C GLY D 42 2.59 11.28 37.59
N GLN D 43 3.65 11.99 37.22
CA GLN D 43 3.81 13.41 37.56
C GLN D 43 4.15 14.25 36.33
N GLY D 44 3.69 15.50 36.35
CA GLY D 44 3.78 16.42 35.20
C GLY D 44 5.14 16.52 34.52
N LEU D 45 5.09 16.73 33.21
CA LEU D 45 6.29 16.87 32.38
C LEU D 45 7.10 18.10 32.74
N GLU D 46 8.40 17.90 33.00
CA GLU D 46 9.30 18.98 33.35
C GLU D 46 10.41 19.13 32.31
N TRP D 47 10.51 20.34 31.74
CA TRP D 47 11.49 20.65 30.72
C TRP D 47 12.90 20.77 31.30
N ILE D 48 13.85 20.07 30.69
CA ILE D 48 15.23 20.05 31.17
C ILE D 48 16.11 21.00 30.37
N GLY D 49 15.99 20.95 29.04
CA GLY D 49 16.79 21.79 28.16
C GLY D 49 16.75 21.38 26.69
N HIS D 50 17.03 22.35 25.82
CA HIS D 50 17.12 22.09 24.38
C HIS D 50 18.49 22.45 23.83
N ILE D 51 18.89 21.76 22.77
CA ILE D 51 20.16 22.04 22.08
C ILE D 51 19.97 22.18 20.58
N ASN D 52 20.65 23.16 19.99
CA ASN D 52 20.66 23.36 18.54
C ASN D 52 21.82 22.60 17.90
N PRO D 53 21.52 21.53 17.16
CA PRO D 53 22.55 20.74 16.47
C PRO D 53 23.22 21.49 15.31
N GLY D 54 22.55 22.54 14.83
CA GLY D 54 23.06 23.34 13.72
C GLY D 54 24.24 24.21 14.08
N ASN D 55 24.05 25.09 15.07
CA ASN D 55 25.09 26.04 15.47
C ASN D 55 25.76 25.73 16.82
N GLY D 56 25.25 24.70 17.51
CA GLY D 56 25.79 24.31 18.81
C GLY D 56 25.28 25.16 19.95
N GLY D 57 24.07 25.70 19.80
CA GLY D 57 23.45 26.54 20.82
C GLY D 57 22.86 25.72 21.94
N THR D 58 23.31 26.00 23.17
CA THR D 58 22.87 25.25 24.35
C THR D 58 21.97 26.08 25.25
N ASN D 59 20.94 25.42 25.80
CA ASN D 59 20.01 26.05 26.73
C ASN D 59 19.53 25.03 27.76
N TYR D 60 19.59 25.43 29.04
CA TYR D 60 19.24 24.53 30.14
C TYR D 60 18.26 25.18 31.12
N ASN D 61 17.46 24.35 31.77
CA ASN D 61 16.57 24.82 32.85
C ASN D 61 17.38 25.12 34.11
N GLU D 62 16.92 26.09 34.89
CA GLU D 62 17.65 26.60 36.06
C GLU D 62 17.92 25.53 37.12
N LYS D 63 16.92 24.69 37.40
CA LYS D 63 17.05 23.65 38.44
C LYS D 63 17.88 22.44 37.97
N PHE D 64 17.94 22.23 36.66
CA PHE D 64 18.70 21.11 36.10
C PHE D 64 20.08 21.55 35.63
N LYS D 65 20.62 22.57 36.29
CA LYS D 65 21.79 23.28 35.78
C LYS D 65 23.08 22.69 36.34
N ARG D 66 23.85 22.04 35.49
CA ARG D 66 24.78 21.05 35.93
C ARG D 66 24.08 19.73 36.25
N MET D 67 22.75 19.76 36.30
CA MET D 67 21.94 18.57 36.06
C MET D 67 21.53 18.48 34.60
N ALA D 68 22.41 18.03 33.72
CA ALA D 68 22.13 17.93 32.30
C ALA D 68 23.17 18.65 31.46
N THR D 69 23.94 17.88 30.68
CA THR D 69 24.83 18.45 29.68
C THR D 69 24.46 17.91 28.29
N LEU D 70 24.03 18.80 27.41
CA LEU D 70 23.57 18.41 26.08
C LEU D 70 24.67 18.51 25.03
N THR D 71 24.77 17.46 24.20
CA THR D 71 25.73 17.40 23.11
C THR D 71 25.09 16.81 21.85
N VAL D 72 25.67 17.10 20.70
CA VAL D 72 25.18 16.59 19.41
C VAL D 72 26.31 15.98 18.58
N ASP D 73 25.95 14.99 17.75
CA ASP D 73 26.92 14.35 16.85
C ASP D 73 26.40 14.43 15.42
N LYS D 74 27.10 15.18 14.58
CA LYS D 74 26.71 15.40 13.19
C LYS D 74 27.05 14.20 12.31
N SER D 75 28.04 13.41 12.72
CA SER D 75 28.46 12.22 12.00
C SER D 75 27.51 11.04 12.21
N SER D 76 26.85 11.02 13.36
CA SER D 76 25.95 9.93 13.72
C SER D 76 24.47 10.34 13.73
N SER D 77 24.23 11.65 13.59
CA SER D 77 22.87 12.23 13.64
C SER D 77 22.14 11.86 14.93
N THR D 78 22.82 12.07 16.06
CA THR D 78 22.31 11.69 17.37
C THR D 78 22.56 12.81 18.39
N ALA D 79 21.51 13.14 19.16
CA ALA D 79 21.63 14.10 20.25
C ALA D 79 21.83 13.37 21.57
N TYR D 80 22.74 13.87 22.40
CA TYR D 80 23.09 13.23 23.67
C TYR D 80 22.77 14.10 24.87
N MET D 81 22.33 13.45 25.95
CA MET D 81 22.10 14.10 27.23
C MET D 81 22.98 13.46 28.31
N GLN D 82 23.86 14.27 28.90
CA GLN D 82 24.76 13.81 29.95
C GLN D 82 24.26 14.22 31.33
N LEU D 83 23.54 13.32 31.98
CA LEU D 83 23.08 13.53 33.35
C LEU D 83 24.17 13.21 34.36
N SER D 84 24.63 14.23 35.08
CA SER D 84 25.71 14.07 36.04
C SER D 84 25.20 13.93 37.47
N SER D 85 25.80 13.00 38.21
CA SER D 85 25.47 12.71 39.61
C SER D 85 23.98 12.39 39.83
N LEU D 86 23.64 11.12 39.70
CA LEU D 86 22.24 10.69 39.74
C LEU D 86 21.81 10.10 41.08
N THR D 87 20.60 10.45 41.51
CA THR D 87 20.02 9.97 42.75
C THR D 87 18.60 9.46 42.52
N SER D 88 17.97 8.95 43.58
CA SER D 88 16.59 8.44 43.52
C SER D 88 15.57 9.49 43.04
N GLU D 89 15.93 10.76 43.18
CA GLU D 89 15.13 11.88 42.68
C GLU D 89 15.11 11.91 41.14
N ASP D 90 16.18 11.40 40.53
CA ASP D 90 16.34 11.42 39.09
C ASP D 90 15.75 10.18 38.40
N SER D 91 15.18 9.27 39.20
CA SER D 91 14.55 8.07 38.68
C SER D 91 13.26 8.41 37.95
N ALA D 92 13.38 8.71 36.66
CA ALA D 92 12.25 9.15 35.84
C ALA D 92 12.42 8.80 34.37
N VAL D 93 11.35 8.98 33.59
CA VAL D 93 11.36 8.75 32.15
C VAL D 93 11.77 10.03 31.42
N TYR D 94 12.83 9.94 30.63
CA TYR D 94 13.36 11.09 29.89
C TYR D 94 13.06 10.97 28.40
N TYR D 95 12.43 12.02 27.85
CA TYR D 95 12.04 12.06 26.44
C TYR D 95 12.95 12.98 25.62
N CYS D 96 12.87 12.85 24.30
CA CYS D 96 13.50 13.79 23.38
C CYS D 96 12.56 14.09 22.21
N ALA D 97 12.44 15.37 21.86
CA ALA D 97 11.54 15.82 20.79
C ALA D 97 12.09 17.01 20.03
N ARG D 98 11.84 17.04 18.72
CA ARG D 98 12.32 18.12 17.86
C ARG D 98 11.29 19.23 17.67
N SER D 99 11.78 20.47 17.51
CA SER D 99 10.91 21.63 17.27
C SER D 99 11.54 22.62 16.30
N TYR D 100 10.71 23.18 15.43
CA TYR D 100 11.14 24.22 14.49
C TYR D 100 10.65 25.58 14.97
N SER D 101 11.59 26.50 15.16
CA SER D 101 11.29 27.89 15.56
C SER D 101 12.50 28.64 16.10
N ASN D 102 12.23 29.85 16.54
CA ASN D 102 13.05 30.58 17.51
C ASN D 102 12.09 31.24 18.50
N TYR D 103 10.80 30.96 18.33
CA TYR D 103 9.74 31.60 19.10
C TYR D 103 8.63 30.63 19.54
N VAL D 104 7.99 29.97 18.57
CA VAL D 104 6.82 29.11 18.85
C VAL D 104 7.14 27.97 19.82
N ARG D 105 8.25 27.27 19.56
CA ARG D 105 8.68 26.11 20.34
C ARG D 105 7.58 25.04 20.48
N ALA D 106 7.20 24.47 19.34
CA ALA D 106 6.22 23.40 19.28
C ALA D 106 6.89 22.09 18.88
N MET D 107 7.15 21.23 19.87
CA MET D 107 7.79 19.94 19.62
C MET D 107 6.85 18.95 18.96
N ASP D 108 6.97 18.85 17.64
CA ASP D 108 6.04 18.08 16.80
C ASP D 108 6.14 16.57 16.94
N TYR D 109 7.36 16.03 16.88
CA TYR D 109 7.57 14.58 16.97
C TYR D 109 8.43 14.19 18.16
N TRP D 110 7.89 13.31 18.99
CA TRP D 110 8.59 12.79 20.17
C TRP D 110 9.11 11.38 19.91
N GLY D 111 10.04 10.94 20.74
CA GLY D 111 10.49 9.54 20.71
C GLY D 111 9.72 8.70 21.70
N GLN D 112 10.14 7.45 21.87
CA GLN D 112 9.50 6.55 22.84
C GLN D 112 9.89 6.88 24.28
N GLY D 113 11.08 7.44 24.47
CA GLY D 113 11.57 7.82 25.80
C GLY D 113 12.54 6.83 26.39
N THR D 114 13.07 7.17 27.56
CA THR D 114 14.01 6.31 28.28
C THR D 114 13.66 6.23 29.76
N SER D 115 13.23 5.04 30.19
CA SER D 115 12.91 4.80 31.59
C SER D 115 14.16 4.50 32.39
N VAL D 116 14.72 5.54 33.02
CA VAL D 116 15.95 5.41 33.80
C VAL D 116 15.63 5.00 35.24
N THR D 117 16.06 3.80 35.60
CA THR D 117 15.89 3.29 36.96
C THR D 117 17.24 3.33 37.68
N VAL D 118 17.29 4.05 38.80
CA VAL D 118 18.54 4.21 39.55
C VAL D 118 18.49 3.51 40.92
N SER D 119 19.14 2.36 40.99
CA SER D 119 19.24 1.57 42.22
C SER D 119 20.49 0.70 42.19
N SER D 120 21.13 0.55 43.35
CA SER D 120 22.33 -0.27 43.48
C SER D 120 22.01 -1.74 43.74
N ALA D 121 20.72 -2.08 43.69
CA ALA D 121 20.24 -3.44 43.96
C ALA D 121 20.75 -4.45 42.94
N LYS D 122 20.89 -5.70 43.39
CA LYS D 122 21.41 -6.78 42.56
C LYS D 122 20.42 -7.19 41.47
N THR D 123 20.92 -7.29 40.24
CA THR D 123 20.09 -7.70 39.10
C THR D 123 19.91 -9.22 39.11
N THR D 124 18.66 -9.65 39.26
CA THR D 124 18.33 -11.07 39.38
C THR D 124 17.29 -11.53 38.37
N ALA D 125 17.34 -12.82 38.03
CA ALA D 125 16.43 -13.44 37.06
C ALA D 125 15.07 -13.77 37.70
N PRO D 126 13.99 -13.75 36.90
CA PRO D 126 12.65 -14.05 37.42
C PRO D 126 12.39 -15.56 37.53
N SER D 127 11.26 -15.91 38.15
CA SER D 127 10.82 -17.29 38.25
C SER D 127 9.38 -17.41 37.76
N VAL D 128 9.21 -18.01 36.59
CA VAL D 128 7.91 -18.13 35.94
C VAL D 128 7.09 -19.25 36.57
N TYR D 129 5.83 -18.96 36.90
CA TYR D 129 4.92 -19.95 37.46
C TYR D 129 3.60 -20.02 36.69
N PRO D 130 3.21 -21.24 36.27
CA PRO D 130 1.95 -21.43 35.55
C PRO D 130 0.76 -21.41 36.51
N LEU D 131 -0.09 -20.38 36.38
CA LEU D 131 -1.27 -20.24 37.22
C LEU D 131 -2.40 -21.12 36.71
N VAL D 132 -2.39 -22.37 37.15
CA VAL D 132 -3.38 -23.37 36.76
C VAL D 132 -4.72 -23.10 37.45
N PRO D 133 -5.84 -23.35 36.73
CA PRO D 133 -7.17 -23.19 37.34
C PRO D 133 -7.36 -24.10 38.55
N VAL D 134 -8.24 -23.69 39.46
CA VAL D 134 -8.48 -24.43 40.71
C VAL D 134 -8.66 -25.92 40.44
N CYS D 135 -8.04 -26.76 41.27
CA CYS D 135 -8.07 -28.21 41.11
C CYS D 135 -9.49 -28.76 41.08
N GLY D 136 -10.03 -28.91 39.87
CA GLY D 136 -11.38 -29.43 39.66
C GLY D 136 -12.43 -28.33 39.66
N GLY D 137 -12.46 -27.55 38.58
CA GLY D 137 -13.45 -26.48 38.42
C GLY D 137 -12.91 -25.12 38.84
N THR D 138 -13.59 -24.04 38.45
CA THR D 138 -14.88 -24.09 37.81
C THR D 138 -14.87 -23.56 36.38
N THR D 139 -15.91 -23.97 35.66
CA THR D 139 -16.21 -23.57 34.28
C THR D 139 -17.66 -22.96 34.21
N GLY D 140 -18.28 -22.96 33.03
CA GLY D 140 -17.69 -23.60 31.87
C GLY D 140 -17.47 -22.62 30.73
N SER D 141 -18.44 -21.73 30.52
CA SER D 141 -18.57 -21.03 29.25
C SER D 141 -17.22 -20.47 28.79
N SER D 142 -16.47 -19.89 29.71
CA SER D 142 -15.08 -19.51 29.46
C SER D 142 -14.19 -19.76 30.68
N VAL D 143 -12.94 -20.15 30.42
CA VAL D 143 -11.98 -20.46 31.47
C VAL D 143 -10.79 -19.49 31.43
N THR D 144 -10.37 -19.02 32.61
CA THR D 144 -9.24 -18.12 32.75
C THR D 144 -8.01 -18.87 33.26
N LEU D 145 -6.87 -18.66 32.59
CA LEU D 145 -5.61 -19.32 32.96
C LEU D 145 -4.76 -18.42 33.87
N GLY D 146 -3.76 -17.76 33.30
CA GLY D 146 -2.91 -16.85 34.06
C GLY D 146 -1.45 -17.23 34.16
N CYS D 147 -0.62 -16.26 34.51
CA CYS D 147 0.82 -16.45 34.65
C CYS D 147 1.41 -15.47 35.66
N LEU D 148 2.47 -15.87 36.35
CA LEU D 148 3.10 -15.03 37.37
C LEU D 148 4.62 -15.09 37.30
N VAL D 149 5.25 -13.91 37.40
CA VAL D 149 6.70 -13.81 37.49
C VAL D 149 7.12 -12.98 38.71
N LYS D 150 7.66 -13.66 39.71
CA LYS D 150 7.98 -13.05 41.00
C LYS D 150 9.48 -12.91 41.22
N GLY D 151 9.88 -11.72 41.67
CA GLY D 151 11.26 -11.46 42.08
C GLY D 151 12.25 -11.28 40.95
N TYR D 152 11.96 -10.33 40.05
CA TYR D 152 12.90 -9.97 39.00
C TYR D 152 13.37 -8.53 39.14
N PHE D 153 14.61 -8.27 38.72
CA PHE D 153 15.18 -6.93 38.77
C PHE D 153 16.25 -6.76 37.69
N PRO D 154 16.22 -5.63 36.95
CA PRO D 154 15.17 -4.62 36.96
C PRO D 154 14.19 -4.78 35.80
N GLU D 155 13.53 -3.69 35.42
CA GLU D 155 12.71 -3.63 34.22
C GLU D 155 13.60 -3.50 32.98
N PRO D 156 13.08 -3.85 31.78
CA PRO D 156 11.71 -4.29 31.49
C PRO D 156 11.57 -5.81 31.40
N VAL D 157 10.33 -6.26 31.17
CA VAL D 157 10.03 -7.67 30.93
C VAL D 157 8.95 -7.77 29.85
N THR D 158 9.17 -8.64 28.86
CA THR D 158 8.22 -8.82 27.77
C THR D 158 7.43 -10.11 27.94
N LEU D 159 6.12 -9.95 28.15
CA LEU D 159 5.21 -11.07 28.35
C LEU D 159 4.30 -11.26 27.14
N THR D 160 4.27 -12.49 26.62
CA THR D 160 3.42 -12.84 25.48
C THR D 160 2.75 -14.20 25.70
N TRP D 161 1.72 -14.48 24.91
CA TRP D 161 1.01 -15.76 24.96
C TRP D 161 1.02 -16.43 23.58
N ASN D 162 1.57 -17.65 23.56
CA ASN D 162 1.74 -18.43 22.31
C ASN D 162 2.50 -17.68 21.22
N SER D 163 3.65 -17.12 21.61
CA SER D 163 4.51 -16.29 20.73
C SER D 163 3.80 -15.04 20.19
N GLY D 164 2.81 -14.55 20.94
CA GLY D 164 2.07 -13.35 20.58
C GLY D 164 0.92 -13.58 19.62
N SER D 165 0.65 -14.85 19.29
CA SER D 165 -0.43 -15.22 18.39
C SER D 165 -1.80 -15.09 19.05
N LEU D 166 -1.85 -15.36 20.35
CA LEU D 166 -3.07 -15.21 21.13
C LEU D 166 -3.15 -13.79 21.70
N SER D 167 -3.41 -12.83 20.81
CA SER D 167 -3.49 -11.42 21.18
C SER D 167 -4.95 -10.97 21.26
N SER D 168 -5.77 -11.74 21.97
CA SER D 168 -7.18 -11.44 22.14
C SER D 168 -7.64 -11.76 23.56
N GLY D 169 -8.18 -10.76 24.24
CA GLY D 169 -8.66 -10.91 25.63
C GLY D 169 -7.54 -11.16 26.62
N VAL D 170 -6.46 -10.40 26.49
CA VAL D 170 -5.28 -10.57 27.33
C VAL D 170 -5.15 -9.39 28.31
N HIS D 171 -4.91 -9.72 29.58
CA HIS D 171 -4.71 -8.70 30.62
C HIS D 171 -3.31 -8.79 31.22
N THR D 172 -2.43 -7.90 30.77
CA THR D 172 -1.06 -7.81 31.29
C THR D 172 -0.99 -6.70 32.33
N PHE D 173 -0.70 -7.09 33.57
CA PHE D 173 -0.68 -6.16 34.70
C PHE D 173 0.71 -5.59 34.93
N PRO D 174 0.82 -4.26 35.12
CA PRO D 174 2.11 -3.60 35.35
C PRO D 174 2.78 -4.06 36.64
N ALA D 175 4.11 -4.12 36.62
CA ALA D 175 4.89 -4.62 37.75
C ALA D 175 4.94 -3.64 38.91
N LEU D 176 4.97 -4.18 40.13
CA LEU D 176 5.09 -3.39 41.35
C LEU D 176 6.22 -3.90 42.23
N LEU D 177 6.76 -3.01 43.05
CA LEU D 177 7.87 -3.33 43.95
C LEU D 177 7.39 -3.96 45.26
N GLN D 178 7.81 -5.19 45.50
CA GLN D 178 7.52 -5.90 46.75
C GLN D 178 8.82 -6.51 47.29
N SER D 179 9.22 -6.05 48.48
CA SER D 179 10.47 -6.48 49.13
C SER D 179 11.73 -6.19 48.29
N GLY D 180 11.69 -5.08 47.56
CA GLY D 180 12.80 -4.66 46.72
C GLY D 180 12.92 -5.42 45.40
N LEU D 181 11.86 -6.13 45.03
CA LEU D 181 11.83 -6.92 43.80
C LEU D 181 10.48 -6.79 43.09
N TYR D 182 10.51 -6.89 41.76
CA TYR D 182 9.30 -6.77 40.95
C TYR D 182 8.53 -8.08 40.86
N THR D 183 7.21 -7.99 40.98
CA THR D 183 6.31 -9.13 40.81
C THR D 183 5.21 -8.76 39.82
N LEU D 184 5.13 -9.52 38.73
CA LEU D 184 4.21 -9.23 37.64
C LEU D 184 3.29 -10.42 37.36
N SER D 185 2.04 -10.13 36.98
CA SER D 185 1.05 -11.15 36.66
C SER D 185 0.31 -10.84 35.36
N SER D 186 -0.26 -11.88 34.76
CA SER D 186 -1.04 -11.76 33.53
C SER D 186 -2.10 -12.87 33.43
N SER D 187 -3.16 -12.62 32.69
CA SER D 187 -4.26 -13.58 32.54
C SER D 187 -4.95 -13.51 31.17
N VAL D 188 -5.35 -14.68 30.67
CA VAL D 188 -6.09 -14.79 29.41
C VAL D 188 -7.42 -15.53 29.60
N THR D 189 -8.41 -15.17 28.78
CA THR D 189 -9.73 -15.80 28.86
C THR D 189 -10.11 -16.43 27.51
N VAL D 190 -10.27 -17.75 27.51
CA VAL D 190 -10.67 -18.50 26.33
C VAL D 190 -11.87 -19.40 26.65
N THR D 191 -12.54 -19.91 25.61
CA THR D 191 -13.70 -20.79 25.77
C THR D 191 -13.34 -22.10 26.47
N SER D 192 -14.33 -22.72 27.10
CA SER D 192 -14.15 -23.96 27.86
C SER D 192 -13.66 -25.15 27.02
N ASN D 193 -13.86 -25.06 25.71
CA ASN D 193 -13.45 -26.10 24.78
C ASN D 193 -12.05 -25.91 24.19
N THR D 194 -11.54 -24.68 24.29
CA THR D 194 -10.20 -24.35 23.78
C THR D 194 -9.10 -24.97 24.65
N TRP D 195 -9.30 -24.94 25.97
CA TRP D 195 -8.32 -25.43 26.92
C TRP D 195 -8.93 -26.49 27.84
N PRO D 196 -8.18 -27.57 28.16
CA PRO D 196 -6.80 -27.86 27.76
C PRO D 196 -6.70 -28.71 26.48
N SER D 197 -7.56 -28.44 25.51
CA SER D 197 -7.49 -29.09 24.20
C SER D 197 -6.32 -28.53 23.40
N GLN D 198 -6.30 -27.21 23.23
CA GLN D 198 -5.18 -26.51 22.64
C GLN D 198 -4.28 -26.00 23.76
N THR D 199 -3.04 -26.51 23.78
CA THR D 199 -2.09 -26.19 24.85
C THR D 199 -1.60 -24.75 24.77
N ILE D 200 -1.95 -23.95 25.78
CA ILE D 200 -1.59 -22.53 25.83
C ILE D 200 -0.32 -22.34 26.66
N THR D 201 0.62 -21.59 26.12
CA THR D 201 1.92 -21.36 26.75
C THR D 201 2.10 -19.91 27.17
N CYS D 202 2.66 -19.72 28.36
CA CYS D 202 3.03 -18.38 28.86
C CYS D 202 4.47 -18.09 28.49
N ASN D 203 4.69 -17.00 27.75
CA ASN D 203 6.03 -16.64 27.27
C ASN D 203 6.58 -15.40 27.96
N VAL D 204 7.63 -15.59 28.75
CA VAL D 204 8.27 -14.51 29.51
C VAL D 204 9.70 -14.28 29.05
N ALA D 205 10.12 -13.02 28.98
CA ALA D 205 11.48 -12.67 28.61
C ALA D 205 12.04 -11.49 29.41
N HIS D 206 13.07 -11.76 30.19
CA HIS D 206 13.77 -10.73 30.97
C HIS D 206 15.19 -10.55 30.41
N PRO D 207 15.36 -9.53 29.53
CA PRO D 207 16.60 -9.32 28.77
C PRO D 207 17.80 -8.89 29.62
N ALA D 208 17.53 -8.27 30.76
CA ALA D 208 18.58 -7.78 31.65
C ALA D 208 19.37 -8.91 32.32
N SER D 209 18.69 -10.00 32.63
CA SER D 209 19.31 -11.18 33.22
C SER D 209 19.74 -12.19 32.15
N SER D 210 19.30 -11.96 30.91
CA SER D 210 19.56 -12.82 29.75
C SER D 210 18.89 -14.20 29.84
N THR D 211 18.22 -14.47 30.96
CA THR D 211 17.55 -15.75 31.19
C THR D 211 16.05 -15.60 30.96
N LYS D 212 15.53 -16.32 29.96
CA LYS D 212 14.11 -16.32 29.65
C LYS D 212 13.60 -17.73 29.34
N VAL D 213 12.54 -18.13 30.05
CA VAL D 213 11.95 -19.46 29.91
C VAL D 213 10.43 -19.37 29.80
N ASP D 214 9.87 -20.03 28.78
CA ASP D 214 8.43 -20.09 28.58
C ASP D 214 7.85 -21.33 29.26
N LYS D 215 6.76 -21.15 30.00
CA LYS D 215 6.14 -22.24 30.76
C LYS D 215 4.79 -22.67 30.18
N LYS D 216 4.68 -23.97 29.91
CA LYS D 216 3.47 -24.58 29.40
C LYS D 216 2.49 -24.83 30.54
N ILE D 217 1.30 -24.25 30.45
CA ILE D 217 0.29 -24.38 31.49
C ILE D 217 -0.52 -25.66 31.32
N GLU D 218 -0.34 -26.58 32.27
CA GLU D 218 -1.05 -27.86 32.28
C GLU D 218 -1.72 -28.08 33.64
N PRO D 219 -2.98 -28.56 33.63
CA PRO D 219 -3.77 -28.65 34.86
C PRO D 219 -3.25 -29.72 35.83
N GLU E 1 9.35 3.38 -46.86
CA GLU E 1 9.12 2.39 -45.78
C GLU E 1 10.22 1.32 -45.78
N ILE E 2 10.78 1.06 -44.61
CA ILE E 2 11.82 0.03 -44.43
C ILE E 2 11.17 -1.28 -44.00
N GLN E 3 11.30 -2.30 -44.83
CA GLN E 3 10.69 -3.60 -44.58
C GLN E 3 11.37 -4.33 -43.42
N MET E 4 10.84 -4.13 -42.21
CA MET E 4 11.34 -4.78 -41.01
C MET E 4 10.85 -6.23 -40.99
N THR E 5 11.80 -7.16 -40.98
CA THR E 5 11.48 -8.58 -41.17
C THR E 5 11.81 -9.44 -39.95
N GLN E 6 10.81 -10.22 -39.52
CA GLN E 6 11.00 -11.27 -38.53
C GLN E 6 10.82 -12.63 -39.19
N THR E 7 11.89 -13.42 -39.19
CA THR E 7 11.92 -14.71 -39.89
C THR E 7 11.04 -15.79 -39.25
N THR E 8 10.91 -15.73 -37.92
CA THR E 8 10.16 -16.73 -37.18
C THR E 8 8.90 -16.18 -36.53
N SER E 9 7.86 -17.01 -36.48
CA SER E 9 6.59 -16.65 -35.83
C SER E 9 6.17 -17.71 -34.83
N SER E 10 6.19 -18.98 -35.26
CA SER E 10 5.87 -20.10 -34.38
C SER E 10 7.08 -20.48 -33.53
N LEU E 11 6.94 -20.32 -32.22
CA LEU E 11 8.04 -20.57 -31.28
C LEU E 11 7.53 -21.18 -29.98
N SER E 12 8.15 -22.28 -29.57
CA SER E 12 7.77 -22.99 -28.35
C SER E 12 9.01 -23.49 -27.59
N ALA E 13 9.10 -23.14 -26.31
CA ALA E 13 10.23 -23.52 -25.47
C ALA E 13 9.80 -23.79 -24.02
N SER E 14 10.53 -24.68 -23.36
CA SER E 14 10.24 -25.04 -21.96
C SER E 14 10.61 -23.93 -20.99
N LEU E 15 10.12 -24.06 -19.75
CA LEU E 15 10.38 -23.07 -18.70
C LEU E 15 11.86 -23.06 -18.29
N GLY E 16 12.42 -21.86 -18.16
CA GLY E 16 13.83 -21.69 -17.78
C GLY E 16 14.79 -21.94 -18.91
N ASP E 17 14.42 -21.49 -20.11
CA ASP E 17 15.24 -21.65 -21.31
C ASP E 17 15.65 -20.31 -21.91
N ARG E 18 16.82 -20.29 -22.54
CA ARG E 18 17.31 -19.10 -23.24
C ARG E 18 16.58 -18.96 -24.59
N VAL E 19 15.57 -18.10 -24.60
CA VAL E 19 14.73 -17.89 -25.79
C VAL E 19 15.17 -16.63 -26.53
N THR E 20 15.46 -16.78 -27.82
CA THR E 20 15.96 -15.68 -28.64
C THR E 20 15.03 -15.39 -29.81
N ILE E 21 14.67 -14.11 -29.98
CA ILE E 21 13.85 -13.64 -31.08
C ILE E 21 14.61 -12.58 -31.87
N SER E 22 14.83 -12.83 -33.15
CA SER E 22 15.67 -11.96 -33.99
C SER E 22 14.90 -11.11 -35.00
N CYS E 23 15.52 -10.01 -35.43
CA CYS E 23 14.97 -9.12 -36.45
C CYS E 23 16.03 -8.73 -37.48
N ARG E 24 15.59 -8.54 -38.72
CA ARG E 24 16.47 -8.09 -39.79
C ARG E 24 15.85 -6.90 -40.54
N ALA E 25 16.64 -5.85 -40.68
CA ALA E 25 16.20 -4.63 -41.37
C ALA E 25 16.71 -4.59 -42.81
N SER E 26 16.03 -3.83 -43.66
CA SER E 26 16.43 -3.66 -45.06
C SER E 26 17.69 -2.79 -45.17
N GLN E 27 17.82 -1.82 -44.25
CA GLN E 27 18.99 -0.94 -44.20
C GLN E 27 19.39 -0.66 -42.74
N ASP E 28 20.52 0.03 -42.56
CA ASP E 28 21.03 0.36 -41.23
C ASP E 28 20.12 1.34 -40.49
N ILE E 29 19.60 0.91 -39.36
CA ILE E 29 18.73 1.76 -38.54
C ILE E 29 19.49 2.39 -37.39
N SER E 30 20.79 2.12 -37.32
CA SER E 30 21.65 2.75 -36.33
C SER E 30 21.09 2.55 -34.92
N ASN E 31 20.79 1.32 -34.57
CA ASN E 31 20.55 0.95 -33.17
C ASN E 31 19.18 1.42 -32.70
N PHE E 32 18.36 1.88 -33.63
CA PHE E 32 17.04 2.39 -33.31
C PHE E 32 15.97 1.30 -33.44
N LEU E 33 15.94 0.40 -32.46
CA LEU E 33 14.94 -0.66 -32.43
C LEU E 33 14.23 -0.71 -31.08
N ASN E 34 12.93 -0.99 -31.11
CA ASN E 34 12.14 -1.11 -29.89
C ASN E 34 11.30 -2.39 -29.88
N TRP E 35 11.42 -3.16 -28.81
CA TRP E 35 10.69 -4.42 -28.68
C TRP E 35 9.42 -4.23 -27.84
N TYR E 36 8.31 -4.71 -28.38
CA TYR E 36 7.00 -4.57 -27.74
C TYR E 36 6.39 -5.93 -27.39
N GLN E 37 5.64 -5.96 -26.30
CA GLN E 37 5.01 -7.19 -25.82
C GLN E 37 3.49 -7.09 -25.89
N GLN E 38 2.90 -7.82 -26.83
CA GLN E 38 1.44 -7.86 -26.97
C GLN E 38 0.86 -9.13 -26.33
N LYS E 39 0.20 -8.94 -25.18
CA LYS E 39 -0.44 -10.02 -24.44
C LYS E 39 -1.65 -10.57 -25.21
N PRO E 40 -2.06 -11.83 -24.89
CA PRO E 40 -3.21 -12.47 -25.54
C PRO E 40 -4.49 -11.64 -25.58
N ASP E 41 -4.62 -10.69 -24.66
CA ASP E 41 -5.80 -9.82 -24.57
C ASP E 41 -5.63 -8.50 -25.33
N GLY E 42 -4.51 -8.37 -26.06
CA GLY E 42 -4.29 -7.22 -26.93
C GLY E 42 -3.53 -6.06 -26.30
N THR E 43 -3.22 -6.17 -25.02
CA THR E 43 -2.49 -5.12 -24.30
C THR E 43 -1.01 -5.11 -24.70
N VAL E 44 -0.55 -3.97 -25.20
CA VAL E 44 0.82 -3.85 -25.69
C VAL E 44 1.66 -3.00 -24.74
N LYS E 45 2.82 -3.52 -24.37
CA LYS E 45 3.75 -2.78 -23.51
C LYS E 45 5.16 -2.80 -24.09
N LEU E 46 5.97 -1.81 -23.71
CA LEU E 46 7.30 -1.65 -24.27
C LEU E 46 8.35 -2.29 -23.37
N LEU E 47 9.08 -3.26 -23.90
CA LEU E 47 9.98 -4.08 -23.10
C LEU E 47 11.41 -3.55 -23.15
N ILE E 48 11.99 -3.57 -24.34
CA ILE E 48 13.26 -2.89 -24.58
C ILE E 48 13.17 -1.96 -25.80
N TYR E 49 13.67 -0.75 -25.65
CA TYR E 49 13.33 0.35 -26.55
C TYR E 49 14.54 0.83 -27.33
N TYR E 50 15.73 0.44 -26.87
CA TYR E 50 16.95 0.62 -27.65
C TYR E 50 17.62 -0.72 -27.96
N THR E 51 18.92 -0.67 -28.22
CA THR E 51 19.73 -1.88 -28.29
C THR E 51 19.47 -2.80 -27.09
N SER E 52 19.88 -2.34 -25.92
CA SER E 52 19.61 -3.07 -24.69
C SER E 52 19.36 -2.11 -23.53
N THR E 53 18.21 -1.45 -23.55
CA THR E 53 17.80 -0.58 -22.46
C THR E 53 16.35 -0.83 -22.06
N LEU E 54 16.12 -0.97 -20.76
CA LEU E 54 14.89 -1.58 -20.27
C LEU E 54 13.83 -0.53 -19.94
N HIS E 55 12.57 -0.90 -20.12
CA HIS E 55 11.46 -0.04 -19.71
C HIS E 55 11.14 -0.30 -18.23
N SER E 56 10.51 0.69 -17.57
CA SER E 56 10.18 0.60 -16.15
C SER E 56 9.16 -0.49 -15.85
N GLY E 57 9.55 -1.44 -14.99
CA GLY E 57 8.69 -2.56 -14.62
C GLY E 57 8.89 -3.78 -15.47
N VAL E 58 10.12 -3.96 -15.98
CA VAL E 58 10.46 -5.11 -16.82
C VAL E 58 11.61 -5.90 -16.15
N PRO E 59 11.40 -7.21 -15.93
CA PRO E 59 12.42 -8.08 -15.34
C PRO E 59 13.72 -8.11 -16.14
N SER E 60 14.84 -8.34 -15.45
CA SER E 60 16.17 -8.37 -16.05
C SER E 60 16.39 -9.57 -16.97
N ARG E 61 15.37 -10.42 -17.10
CA ARG E 61 15.42 -11.60 -17.96
C ARG E 61 15.46 -11.22 -19.44
N PHE E 62 14.70 -10.18 -19.80
CA PHE E 62 14.69 -9.66 -21.15
C PHE E 62 15.99 -8.90 -21.43
N SER E 63 16.79 -9.45 -22.34
CA SER E 63 18.08 -8.86 -22.71
C SER E 63 18.08 -8.41 -24.16
N GLY E 64 18.47 -7.16 -24.37
CA GLY E 64 18.53 -6.57 -25.71
C GLY E 64 19.91 -6.68 -26.30
N SER E 65 19.98 -7.19 -27.54
CA SER E 65 21.25 -7.37 -28.24
C SER E 65 21.14 -7.04 -29.73
N GLY E 66 22.29 -6.89 -30.39
CA GLY E 66 22.34 -6.51 -31.79
C GLY E 66 22.73 -5.06 -31.96
N SER E 67 23.56 -4.77 -32.96
CA SER E 67 24.16 -3.45 -33.11
C SER E 67 23.73 -2.71 -34.37
N GLY E 68 23.63 -3.43 -35.48
CA GLY E 68 23.34 -2.81 -36.75
C GLY E 68 22.10 -3.38 -37.41
N THR E 69 22.28 -4.02 -38.56
CA THR E 69 21.16 -4.51 -39.35
C THR E 69 20.50 -5.72 -38.69
N ASP E 70 21.17 -6.29 -37.70
CA ASP E 70 20.71 -7.52 -37.07
C ASP E 70 20.56 -7.33 -35.55
N TYR E 71 19.36 -7.56 -35.05
CA TYR E 71 19.06 -7.36 -33.63
C TYR E 71 18.29 -8.54 -33.08
N SER E 72 18.32 -8.71 -31.75
CA SER E 72 17.61 -9.82 -31.11
C SER E 72 17.16 -9.55 -29.67
N LEU E 73 15.96 -9.99 -29.36
CA LEU E 73 15.42 -9.97 -27.99
C LEU E 73 15.65 -11.34 -27.35
N THR E 74 16.41 -11.35 -26.26
CA THR E 74 16.80 -12.60 -25.61
C THR E 74 16.26 -12.70 -24.18
N ILE E 75 15.35 -13.64 -23.98
CA ILE E 75 14.84 -13.95 -22.63
C ILE E 75 15.77 -14.97 -21.99
N SER E 76 16.43 -14.55 -20.91
CA SER E 76 17.40 -15.40 -20.21
C SER E 76 16.74 -16.59 -19.51
N ASN E 77 15.71 -16.28 -18.73
CA ASN E 77 14.94 -17.30 -18.01
C ASN E 77 13.47 -17.19 -18.37
N LEU E 78 12.93 -18.26 -18.94
CA LEU E 78 11.56 -18.24 -19.44
C LEU E 78 10.57 -18.70 -18.38
N GLU E 79 9.48 -17.95 -18.23
CA GLU E 79 8.40 -18.34 -17.33
C GLU E 79 7.04 -18.18 -18.00
N GLN E 80 5.99 -18.11 -17.20
CA GLN E 80 4.63 -18.34 -17.68
C GLN E 80 3.85 -17.03 -17.74
N GLU E 81 4.34 -16.02 -17.04
CA GLU E 81 4.71 -14.76 -17.66
C GLU E 81 5.65 -14.99 -18.85
N ASP E 82 5.51 -14.14 -19.86
CA ASP E 82 6.21 -14.35 -21.13
C ASP E 82 5.40 -15.26 -22.06
N ILE E 83 4.08 -15.17 -21.97
CA ILE E 83 3.20 -15.68 -23.01
C ILE E 83 2.63 -14.54 -23.85
N ALA E 84 3.31 -14.20 -24.93
CA ALA E 84 2.92 -13.06 -25.76
C ALA E 84 3.59 -13.08 -27.13
N THR E 85 3.10 -12.23 -28.04
CA THR E 85 3.72 -12.04 -29.34
C THR E 85 4.63 -10.82 -29.32
N TYR E 86 5.89 -11.01 -29.72
CA TYR E 86 6.90 -9.96 -29.62
C TYR E 86 7.21 -9.30 -30.96
N PHE E 87 7.04 -7.98 -30.99
CA PHE E 87 7.26 -7.18 -32.20
C PHE E 87 8.54 -6.37 -32.07
N CYS E 88 9.16 -6.05 -33.20
CA CYS E 88 10.26 -5.09 -33.24
C CYS E 88 9.95 -3.95 -34.22
N GLN E 89 10.17 -2.73 -33.76
CA GLN E 89 9.83 -1.54 -34.54
C GLN E 89 11.05 -0.63 -34.73
N GLN E 90 11.35 -0.33 -35.99
CA GLN E 90 12.47 0.54 -36.35
C GLN E 90 12.14 2.02 -36.09
N GLY E 91 13.15 2.78 -35.66
CA GLY E 91 12.99 4.19 -35.35
C GLY E 91 13.97 5.09 -36.07
N LYS E 92 14.52 4.60 -37.19
CA LYS E 92 15.47 5.37 -37.99
C LYS E 92 14.76 6.50 -38.73
N THR E 93 13.69 6.16 -39.45
CA THR E 93 12.90 7.13 -40.20
C THR E 93 11.43 6.73 -40.32
N LEU E 94 10.58 7.69 -40.62
CA LEU E 94 9.16 7.42 -40.88
C LEU E 94 8.96 6.71 -42.20
N PRO E 95 7.94 5.87 -42.28
CA PRO E 95 7.11 5.57 -41.12
C PRO E 95 7.84 4.68 -40.11
N PRO E 96 7.19 4.40 -38.98
CA PRO E 96 7.69 3.40 -38.04
C PRO E 96 7.14 2.00 -38.34
N THR E 97 8.02 1.08 -38.71
CA THR E 97 7.60 -0.17 -39.31
C THR E 97 7.70 -1.33 -38.32
N PHE E 98 6.63 -2.11 -38.23
CA PHE E 98 6.60 -3.26 -37.33
C PHE E 98 6.84 -4.57 -38.09
N GLY E 99 7.43 -5.54 -37.42
CA GLY E 99 7.66 -6.86 -37.99
C GLY E 99 6.54 -7.84 -37.67
N GLY E 100 6.71 -9.09 -38.07
CA GLY E 100 5.73 -10.14 -37.81
C GLY E 100 5.80 -10.64 -36.38
N GLY E 101 4.70 -10.50 -35.66
CA GLY E 101 4.63 -10.88 -34.24
C GLY E 101 4.84 -12.37 -34.00
N THR E 102 5.96 -12.69 -33.36
CA THR E 102 6.30 -14.08 -33.05
C THR E 102 5.55 -14.60 -31.82
N LYS E 103 4.68 -15.58 -32.05
CA LYS E 103 3.92 -16.22 -30.99
C LYS E 103 4.81 -17.11 -30.13
N LEU E 104 4.83 -16.86 -28.83
CA LEU E 104 5.63 -17.64 -27.90
C LEU E 104 4.77 -18.55 -27.02
N GLU E 105 4.72 -19.82 -27.41
CA GLU E 105 4.06 -20.85 -26.61
C GLU E 105 5.10 -21.48 -25.69
N ILE E 106 4.64 -22.16 -24.64
CA ILE E 106 5.57 -22.82 -23.71
C ILE E 106 5.41 -24.34 -23.70
N LYS E 107 6.53 -25.04 -23.90
CA LYS E 107 6.55 -26.50 -23.95
C LYS E 107 6.30 -27.14 -22.60
N ARG E 108 5.47 -28.19 -22.60
CA ARG E 108 5.15 -28.95 -21.39
C ARG E 108 4.89 -30.42 -21.73
N ALA E 109 4.48 -31.18 -20.71
CA ALA E 109 4.14 -32.60 -20.88
C ALA E 109 2.86 -32.78 -21.68
N ASP E 110 2.86 -33.77 -22.57
CA ASP E 110 1.71 -34.07 -23.43
C ASP E 110 0.57 -34.70 -22.63
N ALA E 111 -0.65 -34.20 -22.87
CA ALA E 111 -1.83 -34.66 -22.13
C ALA E 111 -3.03 -34.92 -23.04
N ALA E 112 -3.89 -35.85 -22.62
CA ALA E 112 -5.10 -36.20 -23.35
C ALA E 112 -6.24 -35.22 -23.03
N PRO E 113 -7.06 -34.87 -24.03
CA PRO E 113 -8.20 -33.98 -23.83
C PRO E 113 -9.31 -34.63 -22.99
N THR E 114 -9.94 -33.84 -22.12
CA THR E 114 -11.08 -34.31 -21.33
C THR E 114 -12.37 -34.06 -22.11
N VAL E 115 -12.81 -35.09 -22.82
CA VAL E 115 -14.01 -35.00 -23.68
C VAL E 115 -15.28 -35.05 -22.84
N SER E 116 -16.24 -34.18 -23.20
CA SER E 116 -17.55 -34.16 -22.56
C SER E 116 -18.62 -33.71 -23.56
N ILE E 117 -19.60 -34.59 -23.81
CA ILE E 117 -20.68 -34.30 -24.74
C ILE E 117 -21.92 -33.74 -24.02
N PHE E 118 -22.59 -32.79 -24.65
CA PHE E 118 -23.75 -32.12 -24.06
C PHE E 118 -24.91 -32.03 -25.04
N PRO E 119 -26.03 -32.71 -24.73
CA PRO E 119 -27.24 -32.68 -25.55
C PRO E 119 -27.90 -31.30 -25.52
N PRO E 120 -28.63 -30.94 -26.61
CA PRO E 120 -29.35 -29.67 -26.67
C PRO E 120 -30.28 -29.47 -25.47
N SER E 121 -30.22 -28.30 -24.86
CA SER E 121 -31.00 -27.97 -23.67
C SER E 121 -32.50 -27.93 -23.96
N SER E 122 -33.30 -28.17 -22.91
CA SER E 122 -34.75 -28.10 -23.01
C SER E 122 -35.24 -26.67 -23.29
N GLU E 123 -34.38 -25.71 -23.00
CA GLU E 123 -34.65 -24.30 -23.28
C GLU E 123 -34.48 -24.00 -24.77
N GLN E 124 -33.61 -24.76 -25.43
CA GLN E 124 -33.34 -24.59 -26.87
C GLN E 124 -34.35 -25.33 -27.74
N LEU E 125 -34.71 -26.55 -27.31
CA LEU E 125 -35.64 -27.41 -28.06
C LEU E 125 -37.05 -26.82 -28.15
N THR E 126 -37.44 -26.05 -27.12
CA THR E 126 -38.76 -25.39 -27.10
C THR E 126 -38.83 -24.18 -28.03
N SER E 127 -37.68 -23.74 -28.52
CA SER E 127 -37.59 -22.58 -29.42
C SER E 127 -37.48 -22.99 -30.89
N GLY E 128 -37.39 -24.30 -31.15
CA GLY E 128 -37.27 -24.82 -32.51
C GLY E 128 -35.84 -24.80 -33.00
N GLY E 129 -35.01 -25.63 -32.38
CA GLY E 129 -33.59 -25.71 -32.71
C GLY E 129 -32.84 -26.58 -31.73
N ALA E 130 -31.79 -27.26 -32.21
CA ALA E 130 -31.00 -28.17 -31.38
C ALA E 130 -29.52 -28.06 -31.68
N SER E 131 -28.72 -27.87 -30.64
CA SER E 131 -27.26 -27.79 -30.78
C SER E 131 -26.55 -28.68 -29.78
N VAL E 132 -25.73 -29.60 -30.30
CA VAL E 132 -24.95 -30.51 -29.47
C VAL E 132 -23.53 -29.97 -29.31
N VAL E 133 -23.11 -29.79 -28.06
CA VAL E 133 -21.78 -29.23 -27.76
C VAL E 133 -20.87 -30.31 -27.17
N CYS E 134 -19.69 -30.45 -27.76
CA CYS E 134 -18.69 -31.41 -27.29
C CYS E 134 -17.44 -30.66 -26.83
N PHE E 135 -17.28 -30.52 -25.51
CA PHE E 135 -16.13 -29.83 -24.94
C PHE E 135 -14.92 -30.76 -24.81
N LEU E 136 -13.76 -30.28 -25.26
CA LEU E 136 -12.49 -30.89 -24.93
C LEU E 136 -11.40 -29.85 -24.76
N ASN E 137 -10.73 -29.88 -23.61
CA ASN E 137 -10.53 -28.69 -22.80
C ASN E 137 -9.11 -28.37 -22.35
N ASN E 138 -8.32 -29.42 -22.14
CA ASN E 138 -7.12 -29.22 -21.35
C ASN E 138 -5.99 -30.16 -21.78
N PHE E 139 -5.27 -29.77 -22.83
CA PHE E 139 -4.44 -30.71 -23.57
C PHE E 139 -3.25 -30.00 -24.23
N TYR E 140 -2.11 -30.67 -24.26
CA TYR E 140 -1.03 -30.29 -25.17
C TYR E 140 -1.04 -31.17 -26.42
N PRO E 141 -0.30 -30.75 -27.43
CA PRO E 141 -0.35 -29.35 -27.90
C PRO E 141 -1.55 -29.11 -28.81
N LYS E 142 -1.64 -27.89 -29.34
CA LYS E 142 -2.92 -27.37 -29.81
C LYS E 142 -3.33 -28.01 -31.14
N GLU E 143 -2.75 -29.16 -31.44
CA GLU E 143 -3.06 -29.88 -32.66
C GLU E 143 -4.07 -31.00 -32.40
N ILE E 144 -5.34 -30.73 -32.68
CA ILE E 144 -6.41 -31.64 -32.30
C ILE E 144 -7.47 -31.72 -33.40
N ASN E 145 -8.14 -32.86 -33.48
CA ASN E 145 -9.16 -33.10 -34.51
C ASN E 145 -10.48 -33.60 -33.92
N VAL E 146 -11.59 -33.05 -34.38
CA VAL E 146 -12.92 -33.44 -33.92
C VAL E 146 -13.78 -33.91 -35.09
N LYS E 147 -14.49 -35.01 -34.89
CA LYS E 147 -15.36 -35.59 -35.91
C LYS E 147 -16.71 -36.01 -35.33
N TRP E 148 -17.76 -35.32 -35.75
CA TRP E 148 -19.13 -35.63 -35.32
C TRP E 148 -19.69 -36.85 -36.05
N LYS E 149 -20.42 -37.68 -35.32
CA LYS E 149 -21.05 -38.87 -35.90
C LYS E 149 -22.47 -39.06 -35.38
N ILE E 150 -23.45 -38.71 -36.22
CA ILE E 150 -24.86 -38.93 -35.90
C ILE E 150 -25.31 -40.27 -36.46
N ASP E 151 -25.64 -41.19 -35.55
CA ASP E 151 -25.98 -42.59 -35.88
C ASP E 151 -24.88 -43.31 -36.67
N GLY E 152 -23.62 -42.95 -36.40
CA GLY E 152 -22.47 -43.54 -37.09
C GLY E 152 -22.04 -42.77 -38.33
N SER E 153 -22.92 -41.91 -38.84
CA SER E 153 -22.66 -41.14 -40.05
C SER E 153 -22.06 -39.77 -39.73
N GLU E 154 -20.99 -39.42 -40.43
CA GLU E 154 -20.28 -38.16 -40.22
C GLU E 154 -21.05 -36.97 -40.79
N ARG E 155 -21.02 -35.86 -40.05
CA ARG E 155 -21.63 -34.61 -40.49
C ARG E 155 -20.68 -33.44 -40.30
N GLN E 156 -20.44 -32.70 -41.38
CA GLN E 156 -19.45 -31.61 -41.39
C GLN E 156 -20.08 -30.23 -41.28
N ASN E 157 -21.30 -30.07 -41.79
CA ASN E 157 -22.00 -28.79 -41.75
C ASN E 157 -22.69 -28.56 -40.41
N GLY E 158 -22.54 -27.35 -39.89
CA GLY E 158 -23.08 -26.99 -38.58
C GLY E 158 -22.04 -27.03 -37.48
N VAL E 159 -20.88 -27.61 -37.78
CA VAL E 159 -19.78 -27.75 -36.83
C VAL E 159 -19.06 -26.42 -36.64
N LEU E 160 -19.00 -25.96 -35.38
CA LEU E 160 -18.28 -24.75 -35.03
C LEU E 160 -17.14 -25.09 -34.07
N ASP E 161 -15.90 -24.87 -34.50
CA ASP E 161 -14.72 -25.24 -33.72
C ASP E 161 -13.93 -24.03 -33.24
N SER E 162 -14.05 -23.71 -31.95
CA SER E 162 -13.38 -22.56 -31.36
C SER E 162 -12.28 -22.98 -30.39
N TRP E 163 -11.05 -22.57 -30.66
CA TRP E 163 -9.89 -22.87 -29.83
C TRP E 163 -9.57 -21.76 -28.83
N THR E 164 -9.11 -22.14 -27.65
CA THR E 164 -8.60 -21.18 -26.67
C THR E 164 -7.10 -20.97 -26.84
N GLU E 165 -6.63 -19.79 -26.46
CA GLU E 165 -5.22 -19.44 -26.53
C GLU E 165 -4.44 -20.10 -25.39
N GLN E 166 -3.10 -20.00 -25.44
CA GLN E 166 -2.22 -20.60 -24.43
C GLN E 166 -2.58 -20.14 -23.02
N ASP E 167 -2.84 -21.12 -22.16
CA ASP E 167 -3.23 -20.86 -20.77
C ASP E 167 -2.05 -20.37 -19.93
N SER E 168 -2.30 -19.37 -19.10
CA SER E 168 -1.28 -18.80 -18.22
C SER E 168 -1.17 -19.53 -16.89
N LYS E 169 -1.97 -20.58 -16.73
CA LYS E 169 -2.01 -21.37 -15.49
C LYS E 169 -1.16 -22.64 -15.59
N ASP E 170 -1.66 -23.62 -16.35
CA ASP E 170 -0.96 -24.90 -16.51
C ASP E 170 -0.61 -25.22 -17.97
N SER E 171 -0.63 -24.19 -18.80
CA SER E 171 -0.20 -24.25 -20.21
C SER E 171 -1.00 -25.25 -21.05
N THR E 172 -2.33 -25.22 -20.90
CA THR E 172 -3.20 -26.18 -21.58
C THR E 172 -4.15 -25.53 -22.58
N TYR E 173 -4.29 -26.17 -23.74
CA TYR E 173 -5.20 -25.72 -24.79
C TYR E 173 -6.55 -26.42 -24.65
N SER E 174 -7.60 -25.76 -25.15
CA SER E 174 -8.96 -26.30 -25.10
C SER E 174 -9.79 -25.80 -26.27
N MET E 175 -10.62 -26.68 -26.81
CA MET E 175 -11.52 -26.30 -27.91
C MET E 175 -12.95 -26.80 -27.71
N SER E 176 -13.89 -26.11 -28.34
CA SER E 176 -15.31 -26.45 -28.24
C SER E 176 -15.89 -26.74 -29.62
N SER E 177 -16.55 -27.89 -29.75
CA SER E 177 -17.21 -28.26 -30.99
C SER E 177 -18.72 -28.13 -30.85
N THR E 178 -19.27 -27.08 -31.45
CA THR E 178 -20.70 -26.79 -31.39
C THR E 178 -21.38 -27.19 -32.70
N LEU E 179 -22.12 -28.29 -32.67
CA LEU E 179 -22.84 -28.78 -33.84
C LEU E 179 -24.28 -28.27 -33.81
N THR E 180 -24.59 -27.31 -34.68
CA THR E 180 -25.92 -26.75 -34.78
C THR E 180 -26.78 -27.56 -35.76
N LEU E 181 -27.93 -28.01 -35.28
CA LEU E 181 -28.86 -28.82 -36.06
C LEU E 181 -30.24 -28.19 -36.06
N THR E 182 -31.09 -28.62 -36.99
CA THR E 182 -32.51 -28.28 -36.96
C THR E 182 -33.27 -29.36 -36.19
N LYS E 183 -34.17 -28.92 -35.30
CA LYS E 183 -34.91 -29.83 -34.43
C LYS E 183 -35.76 -30.84 -35.20
N ASP E 184 -36.34 -30.39 -36.32
CA ASP E 184 -37.16 -31.24 -37.18
C ASP E 184 -36.37 -32.42 -37.79
N GLU E 185 -35.05 -32.30 -37.79
CA GLU E 185 -34.16 -33.38 -38.21
C GLU E 185 -33.53 -34.07 -36.99
N TYR E 186 -33.32 -33.30 -35.92
CA TYR E 186 -32.77 -33.81 -34.66
C TYR E 186 -33.68 -34.88 -34.05
N GLU E 187 -35.00 -34.72 -34.22
CA GLU E 187 -35.99 -35.68 -33.72
C GLU E 187 -35.98 -36.97 -34.53
N ARG E 188 -35.52 -36.89 -35.79
CA ARG E 188 -35.53 -38.02 -36.71
C ARG E 188 -34.40 -39.04 -36.47
N HIS E 189 -33.41 -38.66 -35.67
CA HIS E 189 -32.23 -39.51 -35.43
C HIS E 189 -32.06 -39.94 -33.98
N ASN E 190 -31.23 -40.96 -33.76
CA ASN E 190 -30.95 -41.49 -32.44
C ASN E 190 -29.60 -41.03 -31.88
N SER E 191 -28.67 -41.96 -31.70
CA SER E 191 -27.39 -41.69 -31.02
C SER E 191 -26.53 -40.61 -31.68
N TYR E 192 -25.84 -39.83 -30.84
CA TYR E 192 -24.94 -38.77 -31.29
C TYR E 192 -23.55 -38.94 -30.70
N THR E 193 -22.54 -38.85 -31.55
CA THR E 193 -21.15 -39.11 -31.17
C THR E 193 -20.21 -37.96 -31.57
N CYS E 194 -19.28 -37.62 -30.68
CA CYS E 194 -18.19 -36.70 -31.02
C CYS E 194 -16.83 -37.35 -30.77
N GLU E 195 -16.11 -37.63 -31.85
CA GLU E 195 -14.80 -38.27 -31.80
C GLU E 195 -13.69 -37.23 -31.68
N ALA E 196 -12.57 -37.63 -31.05
CA ALA E 196 -11.44 -36.73 -30.83
C ALA E 196 -10.10 -37.39 -31.13
N THR E 197 -9.41 -36.88 -32.15
CA THR E 197 -8.10 -37.38 -32.54
C THR E 197 -6.99 -36.44 -32.05
N HIS E 198 -6.01 -37.02 -31.35
CA HIS E 198 -4.89 -36.25 -30.79
C HIS E 198 -3.61 -37.11 -30.79
N LYS E 199 -2.48 -36.48 -30.50
CA LYS E 199 -1.18 -37.16 -30.44
C LYS E 199 -1.06 -38.15 -29.27
N THR E 200 -1.90 -37.98 -28.26
CA THR E 200 -1.87 -38.81 -27.05
C THR E 200 -2.25 -40.27 -27.33
N SER E 201 -3.24 -40.47 -28.21
CA SER E 201 -3.71 -41.80 -28.57
C SER E 201 -4.10 -41.90 -30.04
N THR E 202 -3.68 -42.97 -30.70
CA THR E 202 -4.02 -43.23 -32.09
C THR E 202 -5.50 -43.58 -32.25
N SER E 203 -6.08 -44.20 -31.23
CA SER E 203 -7.51 -44.45 -31.17
C SER E 203 -8.23 -43.18 -30.72
N PRO E 204 -9.22 -42.71 -31.52
CA PRO E 204 -9.98 -41.51 -31.18
C PRO E 204 -10.80 -41.69 -29.91
N ILE E 205 -10.62 -40.80 -28.93
CA ILE E 205 -11.36 -40.86 -27.67
C ILE E 205 -12.83 -40.48 -27.89
N VAL E 206 -13.70 -41.44 -27.61
CA VAL E 206 -15.12 -41.35 -27.99
C VAL E 206 -16.05 -41.07 -26.80
N LYS E 207 -16.92 -40.08 -26.99
CA LYS E 207 -18.04 -39.84 -26.07
C LYS E 207 -19.34 -39.69 -26.86
N SER E 208 -20.28 -40.59 -26.59
CA SER E 208 -21.56 -40.60 -27.28
C SER E 208 -22.73 -40.76 -26.32
N PHE E 209 -23.93 -40.51 -26.83
CA PHE E 209 -25.18 -40.70 -26.08
C PHE E 209 -26.34 -41.01 -27.02
N ASN E 210 -27.20 -41.94 -26.61
CA ASN E 210 -28.41 -42.25 -27.35
C ASN E 210 -29.47 -41.18 -27.11
N ARG E 211 -30.22 -40.86 -28.16
CA ARG E 211 -31.23 -39.78 -28.11
C ARG E 211 -32.33 -40.06 -27.07
N ASN E 212 -32.76 -41.32 -26.99
CA ASN E 212 -33.76 -41.73 -26.00
C ASN E 212 -33.17 -41.95 -24.61
N GLU E 213 -32.24 -41.05 -24.23
CA GLU E 213 -31.57 -41.06 -22.92
C GLU E 213 -30.87 -42.39 -22.62
N CYS E 214 -29.74 -42.60 -23.30
CA CYS E 214 -28.91 -43.81 -23.17
C CYS E 214 -29.68 -45.11 -23.41
N GLN F 1 0.11 5.58 -12.72
CA GLN F 1 -0.95 6.64 -12.82
C GLN F 1 -1.11 7.17 -14.23
N VAL F 2 -0.11 6.91 -15.08
CA VAL F 2 -0.13 7.33 -16.48
C VAL F 2 -0.74 6.27 -17.38
N GLN F 3 -1.78 6.64 -18.14
CA GLN F 3 -2.51 5.72 -19.00
C GLN F 3 -3.26 6.42 -20.13
N LEU F 4 -3.62 5.65 -21.15
CA LEU F 4 -4.43 6.14 -22.27
C LEU F 4 -5.75 5.37 -22.35
N GLN F 5 -6.81 6.07 -22.75
CA GLN F 5 -8.15 5.48 -22.78
C GLN F 5 -8.69 5.34 -24.21
N GLN F 6 -9.12 4.11 -24.53
CA GLN F 6 -9.76 3.82 -25.81
C GLN F 6 -11.00 2.96 -25.59
N PRO F 7 -12.14 3.34 -26.20
CA PRO F 7 -13.34 2.51 -26.15
C PRO F 7 -13.11 1.17 -26.84
N GLY F 8 -13.23 0.08 -26.09
CA GLY F 8 -12.94 -1.27 -26.56
C GLY F 8 -13.69 -1.68 -27.82
N THR F 9 -15.00 -1.44 -27.82
CA THR F 9 -15.86 -1.77 -28.95
C THR F 9 -16.31 -0.54 -29.73
N GLU F 10 -16.45 -0.71 -31.05
CA GLU F 10 -16.95 0.34 -31.93
C GLU F 10 -17.61 -0.27 -33.17
N LEU F 11 -18.87 0.10 -33.39
CA LEU F 11 -19.65 -0.43 -34.50
C LEU F 11 -20.05 0.65 -35.49
N VAL F 12 -19.80 0.39 -36.77
CA VAL F 12 -20.20 1.27 -37.86
C VAL F 12 -20.67 0.50 -39.10
N LYS F 13 -21.25 1.22 -40.06
CA LYS F 13 -21.73 0.64 -41.30
C LYS F 13 -20.81 1.00 -42.47
N PRO F 14 -20.74 0.15 -43.51
CA PRO F 14 -19.94 0.44 -44.70
C PRO F 14 -20.27 1.81 -45.31
N GLY F 15 -19.24 2.62 -45.50
CA GLY F 15 -19.41 3.98 -46.03
C GLY F 15 -19.28 5.05 -44.96
N ALA F 16 -19.65 4.71 -43.73
CA ALA F 16 -19.63 5.66 -42.62
C ALA F 16 -18.22 5.91 -42.08
N SER F 17 -18.09 6.95 -41.25
CA SER F 17 -16.80 7.36 -40.68
C SER F 17 -16.86 7.42 -39.16
N VAL F 18 -15.75 7.09 -38.52
CA VAL F 18 -15.65 7.10 -37.05
C VAL F 18 -14.66 8.16 -36.57
N LYS F 19 -14.98 8.79 -35.45
CA LYS F 19 -14.05 9.68 -34.76
C LYS F 19 -13.56 8.98 -33.48
N LEU F 20 -12.50 8.18 -33.63
CA LEU F 20 -11.95 7.40 -32.52
C LEU F 20 -11.33 8.30 -31.46
N SER F 21 -11.45 7.89 -30.20
CA SER F 21 -10.98 8.69 -29.08
C SER F 21 -9.78 8.08 -28.36
N CYS F 22 -8.83 8.93 -28.01
CA CYS F 22 -7.67 8.54 -27.19
C CYS F 22 -7.51 9.53 -26.03
N LYS F 23 -8.26 9.29 -24.96
CA LYS F 23 -8.26 10.17 -23.79
C LYS F 23 -6.99 9.96 -22.97
N ALA F 24 -6.13 10.97 -22.97
CA ALA F 24 -4.88 10.92 -22.22
C ALA F 24 -5.05 11.53 -20.83
N SER F 25 -4.57 10.79 -19.82
CA SER F 25 -4.65 11.22 -18.43
C SER F 25 -3.48 10.68 -17.62
N GLY F 26 -2.84 11.58 -16.86
CA GLY F 26 -1.73 11.21 -15.98
C GLY F 26 -0.41 11.91 -16.26
N TYR F 27 -0.36 12.66 -17.36
CA TYR F 27 0.85 13.36 -17.78
C TYR F 27 0.54 14.64 -18.55
N THR F 28 1.58 15.43 -18.85
CA THR F 28 1.43 16.62 -19.68
C THR F 28 1.21 16.19 -21.13
N PHE F 29 -0.07 16.25 -21.54
CA PHE F 29 -0.52 15.74 -22.84
C PHE F 29 0.21 16.34 -24.04
N THR F 30 0.45 17.65 -24.00
CA THR F 30 1.02 18.39 -25.14
C THR F 30 2.55 18.28 -25.27
N GLY F 31 3.13 17.27 -24.63
CA GLY F 31 4.58 17.07 -24.68
C GLY F 31 5.02 15.76 -25.30
N PHE F 32 4.07 14.97 -25.77
CA PHE F 32 4.33 13.65 -26.34
C PHE F 32 3.52 13.41 -27.61
N TRP F 33 4.13 12.78 -28.60
CA TRP F 33 3.46 12.42 -29.85
C TRP F 33 2.46 11.29 -29.63
N ILE F 34 1.28 11.41 -30.24
CA ILE F 34 0.24 10.39 -30.14
C ILE F 34 0.15 9.60 -31.45
N HIS F 35 0.61 8.35 -31.40
CA HIS F 35 0.60 7.45 -32.54
C HIS F 35 -0.69 6.64 -32.62
N TRP F 36 -1.02 6.17 -33.82
CA TRP F 36 -2.17 5.30 -34.03
C TRP F 36 -1.77 4.10 -34.88
N VAL F 37 -2.05 2.90 -34.37
CA VAL F 37 -1.62 1.66 -35.03
C VAL F 37 -2.81 0.74 -35.34
N LYS F 38 -2.83 0.21 -36.56
CA LYS F 38 -3.86 -0.71 -37.03
C LYS F 38 -3.39 -2.16 -36.89
N GLN F 39 -4.28 -3.02 -36.42
CA GLN F 39 -4.00 -4.46 -36.33
C GLN F 39 -5.21 -5.31 -36.71
N ARG F 40 -5.07 -6.05 -37.81
CA ARG F 40 -6.08 -7.03 -38.23
C ARG F 40 -6.00 -8.26 -37.32
N PRO F 41 -7.14 -8.99 -37.17
CA PRO F 41 -7.17 -10.19 -36.33
C PRO F 41 -6.08 -11.21 -36.69
N GLY F 42 -5.04 -11.27 -35.87
CA GLY F 42 -3.92 -12.20 -36.08
C GLY F 42 -2.95 -11.76 -37.16
N GLN F 43 -2.75 -10.45 -37.28
CA GLN F 43 -1.83 -9.89 -38.27
C GLN F 43 -0.86 -8.88 -37.65
N GLY F 44 0.10 -8.42 -38.45
CA GLY F 44 1.10 -7.47 -38.00
C GLY F 44 0.57 -6.07 -37.76
N LEU F 45 1.32 -5.28 -36.99
CA LEU F 45 0.94 -3.91 -36.65
C LEU F 45 1.26 -2.94 -37.79
N GLU F 46 0.25 -2.18 -38.20
CA GLU F 46 0.40 -1.21 -39.29
C GLU F 46 0.26 0.21 -38.77
N TRP F 47 1.31 1.01 -38.96
CA TRP F 47 1.34 2.40 -38.51
C TRP F 47 0.48 3.27 -39.42
N ILE F 48 -0.47 3.97 -38.81
CA ILE F 48 -1.41 4.82 -39.55
C ILE F 48 -0.91 6.26 -39.60
N GLY F 49 -0.56 6.79 -38.43
CA GLY F 49 -0.08 8.17 -38.32
C GLY F 49 0.11 8.64 -36.89
N HIS F 50 0.96 9.66 -36.73
CA HIS F 50 1.20 10.27 -35.43
C HIS F 50 0.84 11.75 -35.43
N ILE F 51 0.51 12.28 -34.25
CA ILE F 51 0.16 13.69 -34.10
C ILE F 51 0.82 14.31 -32.88
N ASN F 52 1.33 15.53 -33.03
CA ASN F 52 1.86 16.31 -31.92
C ASN F 52 0.81 17.31 -31.43
N PRO F 53 0.25 17.05 -30.23
CA PRO F 53 -0.76 17.93 -29.63
C PRO F 53 -0.19 19.28 -29.17
N GLY F 54 1.14 19.38 -29.10
CA GLY F 54 1.81 20.61 -28.68
C GLY F 54 1.74 21.73 -29.68
N ASN F 55 2.10 21.43 -30.93
CA ASN F 55 2.13 22.45 -31.99
C ASN F 55 1.05 22.28 -33.05
N GLY F 56 0.57 21.05 -33.24
CA GLY F 56 -0.44 20.75 -34.24
C GLY F 56 0.12 20.10 -35.50
N GLY F 57 1.42 19.80 -35.47
CA GLY F 57 2.09 19.15 -36.59
C GLY F 57 1.68 17.69 -36.71
N THR F 58 1.32 17.29 -37.93
CA THR F 58 0.80 15.94 -38.18
C THR F 58 1.57 15.18 -39.26
N ASN F 59 1.53 13.85 -39.15
CA ASN F 59 2.11 12.96 -40.15
C ASN F 59 1.26 11.71 -40.33
N TYR F 60 0.96 11.38 -41.60
CA TYR F 60 0.17 10.21 -41.94
C TYR F 60 0.97 9.26 -42.82
N ASN F 61 0.64 7.97 -42.75
CA ASN F 61 1.24 6.97 -43.64
C ASN F 61 0.68 7.11 -45.06
N GLU F 62 1.51 6.80 -46.05
CA GLU F 62 1.17 7.02 -47.46
C GLU F 62 -0.10 6.30 -47.91
N LYS F 63 -0.30 5.07 -47.45
CA LYS F 63 -1.42 4.24 -47.88
C LYS F 63 -2.70 4.65 -47.17
N PHE F 64 -2.56 5.26 -46.00
CA PHE F 64 -3.69 5.90 -45.33
C PHE F 64 -3.77 7.38 -45.69
N LYS F 65 -3.66 7.69 -46.98
CA LYS F 65 -3.27 9.01 -47.43
C LYS F 65 -4.41 10.02 -47.25
N ARG F 66 -5.64 9.51 -47.28
CA ARG F 66 -6.82 10.36 -47.32
C ARG F 66 -7.86 9.93 -46.30
N MET F 67 -7.48 9.00 -45.43
CA MET F 67 -8.45 8.07 -44.84
C MET F 67 -8.37 8.11 -43.32
N ALA F 68 -7.18 8.43 -42.82
CA ALA F 68 -7.02 8.90 -41.44
C ALA F 68 -6.89 10.41 -41.39
N THR F 69 -7.66 11.04 -40.51
CA THR F 69 -7.41 12.42 -40.11
C THR F 69 -7.24 12.54 -38.60
N LEU F 70 -6.11 13.11 -38.18
CA LEU F 70 -5.78 13.20 -36.76
C LEU F 70 -6.03 14.60 -36.19
N THR F 71 -6.73 14.64 -35.06
CA THR F 71 -7.03 15.88 -34.35
C THR F 71 -6.80 15.73 -32.85
N VAL F 72 -6.56 16.85 -32.18
CA VAL F 72 -6.32 16.86 -30.72
C VAL F 72 -7.15 17.95 -30.03
N ASP F 73 -7.42 17.74 -28.75
CA ASP F 73 -8.15 18.72 -27.94
C ASP F 73 -7.37 19.01 -26.66
N LYS F 74 -6.95 20.28 -26.52
CA LYS F 74 -6.18 20.73 -25.35
C LYS F 74 -7.02 20.69 -24.08
N SER F 75 -8.31 21.00 -24.21
CA SER F 75 -9.27 20.80 -23.14
C SER F 75 -9.68 19.32 -23.12
N SER F 76 -9.94 18.80 -21.93
CA SER F 76 -10.29 17.38 -21.72
C SER F 76 -9.13 16.41 -21.99
N SER F 77 -8.10 16.89 -22.69
CA SER F 77 -6.90 16.10 -23.04
C SER F 77 -7.24 14.80 -23.78
N THR F 78 -7.62 14.94 -25.05
CA THR F 78 -8.02 13.79 -25.87
C THR F 78 -7.53 13.94 -27.31
N ALA F 79 -6.95 12.86 -27.84
CA ALA F 79 -6.55 12.79 -29.25
C ALA F 79 -7.59 12.01 -30.05
N TYR F 80 -7.81 12.41 -31.30
CA TYR F 80 -8.84 11.83 -32.13
C TYR F 80 -8.33 11.28 -33.46
N MET F 81 -9.06 10.31 -34.00
CA MET F 81 -8.77 9.73 -35.31
C MET F 81 -10.03 9.67 -36.16
N GLN F 82 -10.01 10.38 -37.29
CA GLN F 82 -11.14 10.43 -38.21
C GLN F 82 -10.90 9.50 -39.40
N LEU F 83 -11.43 8.29 -39.31
CA LEU F 83 -11.32 7.30 -40.39
C LEU F 83 -12.40 7.52 -41.45
N SER F 84 -12.03 8.23 -42.51
CA SER F 84 -12.96 8.59 -43.59
C SER F 84 -13.18 7.44 -44.56
N SER F 85 -14.45 7.21 -44.90
CA SER F 85 -14.89 6.18 -45.85
C SER F 85 -14.37 4.78 -45.52
N LEU F 86 -15.12 4.04 -44.69
CA LEU F 86 -14.70 2.72 -44.23
C LEU F 86 -15.24 1.58 -45.08
N THR F 87 -14.38 0.58 -45.30
CA THR F 87 -14.74 -0.64 -46.03
C THR F 87 -14.55 -1.85 -45.12
N SER F 88 -14.90 -3.03 -45.64
CA SER F 88 -14.73 -4.30 -44.91
C SER F 88 -13.24 -4.62 -44.64
N GLU F 89 -12.36 -4.04 -45.46
CA GLU F 89 -10.92 -4.20 -45.29
C GLU F 89 -10.40 -3.42 -44.09
N ASP F 90 -11.17 -2.42 -43.66
CA ASP F 90 -10.79 -1.56 -42.54
C ASP F 90 -11.24 -2.10 -41.18
N SER F 91 -11.87 -3.27 -41.19
CA SER F 91 -12.33 -3.93 -39.97
C SER F 91 -11.15 -4.49 -39.17
N ALA F 92 -10.63 -3.67 -38.26
CA ALA F 92 -9.44 -4.02 -37.47
C ALA F 92 -9.44 -3.34 -36.10
N VAL F 93 -8.51 -3.75 -35.24
CA VAL F 93 -8.33 -3.15 -33.93
C VAL F 93 -7.34 -1.99 -34.03
N TYR F 94 -7.78 -0.81 -33.59
CA TYR F 94 -6.97 0.41 -33.68
C TYR F 94 -6.47 0.85 -32.30
N TYR F 95 -5.16 1.01 -32.18
CA TYR F 95 -4.53 1.41 -30.93
C TYR F 95 -4.07 2.86 -30.94
N CYS F 96 -3.88 3.43 -29.76
CA CYS F 96 -3.23 4.73 -29.61
C CYS F 96 -2.11 4.66 -28.58
N ALA F 97 -0.92 5.12 -28.97
CA ALA F 97 0.26 5.07 -28.11
C ALA F 97 1.04 6.37 -28.17
N ARG F 98 1.88 6.61 -27.16
CA ARG F 98 2.66 7.85 -27.10
C ARG F 98 4.17 7.65 -27.08
N SER F 99 4.86 8.41 -27.93
CA SER F 99 6.32 8.46 -27.93
C SER F 99 6.79 9.87 -27.51
N TYR F 100 8.07 10.00 -27.18
CA TYR F 100 8.59 11.27 -26.67
C TYR F 100 9.25 12.16 -27.73
N SER F 101 10.35 11.68 -28.32
CA SER F 101 11.17 12.52 -29.18
C SER F 101 11.01 12.24 -30.67
N ASN F 102 11.48 13.18 -31.49
CA ASN F 102 11.45 13.07 -32.95
C ASN F 102 12.37 11.99 -33.50
N TYR F 103 13.43 11.67 -32.77
CA TYR F 103 14.49 10.80 -33.27
C TYR F 103 14.30 9.33 -32.90
N VAL F 104 13.98 9.06 -31.64
CA VAL F 104 13.90 7.70 -31.10
C VAL F 104 12.77 6.85 -31.68
N ARG F 105 11.57 7.45 -31.80
CA ARG F 105 10.35 6.74 -32.19
C ARG F 105 10.08 5.50 -31.32
N ALA F 106 9.95 5.72 -30.03
CA ALA F 106 9.67 4.65 -29.07
C ALA F 106 8.43 4.97 -28.24
N MET F 107 7.33 4.29 -28.57
CA MET F 107 6.06 4.49 -27.88
C MET F 107 5.96 3.65 -26.61
N ASP F 108 6.17 4.31 -25.46
CA ASP F 108 6.29 3.64 -24.17
C ASP F 108 4.98 3.11 -23.60
N TYR F 109 3.91 3.90 -23.73
CA TYR F 109 2.60 3.51 -23.20
C TYR F 109 1.54 3.46 -24.29
N TRP F 110 0.80 2.36 -24.32
CA TRP F 110 -0.25 2.13 -25.31
C TRP F 110 -1.63 2.19 -24.66
N GLY F 111 -2.66 2.34 -25.49
CA GLY F 111 -4.04 2.23 -25.04
C GLY F 111 -4.49 0.78 -25.06
N GLN F 112 -5.70 0.52 -24.55
CA GLN F 112 -6.25 -0.83 -24.52
C GLN F 112 -6.71 -1.32 -25.90
N GLY F 113 -7.06 -0.37 -26.78
CA GLY F 113 -7.45 -0.69 -28.16
C GLY F 113 -8.89 -0.39 -28.50
N THR F 114 -9.18 -0.37 -29.80
CA THR F 114 -10.52 -0.14 -30.31
C THR F 114 -10.83 -1.11 -31.45
N SER F 115 -11.55 -2.17 -31.13
CA SER F 115 -11.94 -3.18 -32.12
C SER F 115 -13.10 -2.67 -32.98
N VAL F 116 -12.76 -2.07 -34.12
CA VAL F 116 -13.75 -1.50 -35.03
C VAL F 116 -14.32 -2.58 -35.96
N THR F 117 -15.62 -2.80 -35.85
CA THR F 117 -16.33 -3.78 -36.70
C THR F 117 -17.27 -3.07 -37.66
N VAL F 118 -17.19 -3.45 -38.93
CA VAL F 118 -18.00 -2.85 -39.99
C VAL F 118 -18.76 -3.93 -40.76
N SER F 119 -20.08 -3.76 -40.87
CA SER F 119 -20.95 -4.80 -41.45
C SER F 119 -22.30 -4.30 -41.97
N SER F 120 -22.92 -3.38 -41.22
CA SER F 120 -24.30 -2.92 -41.43
C SER F 120 -25.35 -4.04 -41.23
N ALA F 121 -24.92 -5.13 -40.60
CA ALA F 121 -25.80 -6.26 -40.31
C ALA F 121 -26.72 -5.94 -39.13
N LYS F 122 -27.84 -6.65 -39.05
CA LYS F 122 -28.84 -6.44 -38.01
C LYS F 122 -28.32 -6.83 -36.63
N THR F 123 -28.38 -5.88 -35.70
CA THR F 123 -27.95 -6.10 -34.32
C THR F 123 -29.05 -6.79 -33.52
N THR F 124 -28.80 -8.03 -33.12
CA THR F 124 -29.80 -8.85 -32.42
C THR F 124 -29.29 -9.37 -31.07
N ALA F 125 -30.24 -9.76 -30.22
CA ALA F 125 -29.95 -10.27 -28.88
C ALA F 125 -29.70 -11.79 -28.88
N PRO F 126 -28.80 -12.27 -28.01
CA PRO F 126 -28.51 -13.70 -27.91
C PRO F 126 -29.60 -14.49 -27.17
N SER F 127 -29.44 -15.82 -27.17
CA SER F 127 -30.30 -16.70 -26.39
C SER F 127 -29.44 -17.69 -25.61
N VAL F 128 -29.42 -17.52 -24.28
CA VAL F 128 -28.58 -18.32 -23.40
C VAL F 128 -29.16 -19.72 -23.19
N TYR F 129 -28.31 -20.73 -23.34
CA TYR F 129 -28.72 -22.11 -23.13
C TYR F 129 -27.82 -22.82 -22.11
N PRO F 130 -28.41 -23.32 -21.01
CA PRO F 130 -27.65 -24.02 -19.98
C PRO F 130 -27.30 -25.44 -20.42
N LEU F 131 -26.00 -25.73 -20.48
CA LEU F 131 -25.52 -27.04 -20.92
C LEU F 131 -25.54 -28.07 -19.80
N VAL F 132 -26.52 -28.96 -19.85
CA VAL F 132 -26.66 -30.04 -18.88
C VAL F 132 -25.56 -31.10 -19.08
N PRO F 133 -24.92 -31.56 -17.98
CA PRO F 133 -23.82 -32.52 -18.08
C PRO F 133 -24.17 -33.75 -18.92
N VAL F 134 -25.14 -34.53 -18.45
CA VAL F 134 -25.64 -35.72 -19.13
C VAL F 134 -26.77 -36.34 -18.29
N CYS F 135 -27.68 -37.04 -18.95
CA CYS F 135 -28.81 -37.69 -18.27
C CYS F 135 -28.35 -38.96 -17.53
N GLY F 136 -27.72 -38.75 -16.37
CA GLY F 136 -27.23 -39.83 -15.52
C GLY F 136 -26.16 -40.68 -16.19
N GLY F 137 -24.94 -40.16 -16.24
CA GLY F 137 -23.84 -40.84 -16.90
C GLY F 137 -22.52 -40.75 -16.18
N THR F 138 -21.66 -39.83 -16.64
CA THR F 138 -20.30 -39.70 -16.12
C THR F 138 -20.23 -38.98 -14.77
N THR F 139 -19.74 -39.72 -13.78
CA THR F 139 -19.49 -39.17 -12.43
C THR F 139 -18.29 -39.89 -11.81
N GLY F 140 -17.17 -39.18 -11.73
CA GLY F 140 -15.93 -39.74 -11.19
C GLY F 140 -15.33 -38.90 -10.09
N SER F 141 -14.60 -37.86 -10.49
CA SER F 141 -13.95 -36.95 -9.54
C SER F 141 -14.39 -35.51 -9.76
N SER F 142 -14.42 -35.08 -11.03
CA SER F 142 -14.79 -33.71 -11.39
C SER F 142 -15.76 -33.68 -12.57
N VAL F 143 -16.77 -32.81 -12.47
CA VAL F 143 -17.82 -32.69 -13.49
C VAL F 143 -17.78 -31.31 -14.14
N THR F 144 -18.01 -31.28 -15.46
CA THR F 144 -18.04 -30.03 -16.23
C THR F 144 -19.46 -29.71 -16.68
N LEU F 145 -19.85 -28.43 -16.57
CA LEU F 145 -21.20 -27.98 -16.93
C LEU F 145 -21.27 -27.41 -18.34
N GLY F 146 -20.85 -26.16 -18.51
CA GLY F 146 -20.86 -25.51 -19.81
C GLY F 146 -21.97 -24.50 -20.02
N CYS F 147 -21.78 -23.63 -21.01
CA CYS F 147 -22.75 -22.60 -21.37
C CYS F 147 -22.65 -22.28 -22.87
N LEU F 148 -23.73 -21.76 -23.44
CA LEU F 148 -23.76 -21.43 -24.87
C LEU F 148 -24.63 -20.21 -25.16
N VAL F 149 -24.10 -19.32 -26.02
CA VAL F 149 -24.85 -18.16 -26.50
C VAL F 149 -24.77 -18.04 -28.02
N LYS F 150 -25.75 -18.62 -28.70
CA LYS F 150 -25.81 -18.63 -30.16
C LYS F 150 -26.66 -17.49 -30.72
N GLY F 151 -26.14 -16.85 -31.76
CA GLY F 151 -26.89 -15.85 -32.52
C GLY F 151 -26.96 -14.49 -31.85
N TYR F 152 -25.81 -13.91 -31.56
CA TYR F 152 -25.76 -12.53 -31.05
C TYR F 152 -24.90 -11.65 -31.94
N PHE F 153 -25.30 -10.38 -32.04
CA PHE F 153 -24.59 -9.41 -32.88
C PHE F 153 -24.79 -7.98 -32.35
N PRO F 154 -23.71 -7.19 -32.31
CA PRO F 154 -22.32 -7.56 -32.60
C PRO F 154 -21.51 -7.83 -31.33
N GLU F 155 -20.19 -7.74 -31.44
CA GLU F 155 -19.28 -7.85 -30.31
C GLU F 155 -19.33 -6.58 -29.45
N PRO F 156 -18.94 -6.68 -28.15
CA PRO F 156 -18.47 -7.85 -27.43
C PRO F 156 -19.55 -8.52 -26.58
N VAL F 157 -19.14 -9.48 -25.77
CA VAL F 157 -20.01 -10.14 -24.79
C VAL F 157 -19.24 -10.41 -23.50
N THR F 158 -19.90 -10.25 -22.36
CA THR F 158 -19.29 -10.46 -21.06
C THR F 158 -19.80 -11.77 -20.44
N LEU F 159 -18.88 -12.68 -20.15
CA LEU F 159 -19.23 -13.99 -19.62
C LEU F 159 -18.52 -14.26 -18.29
N THR F 160 -19.32 -14.58 -17.27
CA THR F 160 -18.80 -14.95 -15.95
C THR F 160 -19.63 -16.09 -15.34
N TRP F 161 -19.13 -16.66 -14.24
CA TRP F 161 -19.84 -17.71 -13.52
C TRP F 161 -19.98 -17.35 -12.05
N ASN F 162 -21.22 -17.38 -11.55
CA ASN F 162 -21.55 -17.01 -10.17
C ASN F 162 -21.03 -15.63 -9.77
N SER F 163 -21.40 -14.62 -10.57
CA SER F 163 -20.99 -13.22 -10.39
C SER F 163 -19.47 -13.01 -10.49
N GLY F 164 -18.80 -13.91 -11.21
CA GLY F 164 -17.35 -13.83 -11.41
C GLY F 164 -16.53 -14.29 -10.20
N SER F 165 -17.21 -14.83 -9.19
CA SER F 165 -16.54 -15.32 -8.00
C SER F 165 -15.84 -16.66 -8.24
N LEU F 166 -16.41 -17.45 -9.15
CA LEU F 166 -15.81 -18.72 -9.55
C LEU F 166 -14.81 -18.49 -10.68
N SER F 167 -13.67 -17.89 -10.34
CA SER F 167 -12.62 -17.60 -11.29
C SER F 167 -11.47 -18.60 -11.16
N SER F 168 -11.83 -19.88 -11.12
CA SER F 168 -10.86 -20.98 -11.00
C SER F 168 -11.18 -22.11 -11.95
N GLY F 169 -10.33 -22.30 -12.95
CA GLY F 169 -10.50 -23.34 -13.97
C GLY F 169 -11.66 -23.06 -14.90
N VAL F 170 -11.68 -21.85 -15.47
CA VAL F 170 -12.75 -21.41 -16.37
C VAL F 170 -12.23 -21.35 -17.80
N HIS F 171 -13.02 -21.91 -18.72
CA HIS F 171 -12.66 -21.92 -20.14
C HIS F 171 -13.70 -21.19 -20.98
N THR F 172 -13.40 -19.93 -21.28
CA THR F 172 -14.27 -19.12 -22.13
C THR F 172 -13.71 -19.09 -23.55
N PHE F 173 -14.48 -19.61 -24.50
CA PHE F 173 -14.04 -19.77 -25.88
C PHE F 173 -14.43 -18.54 -26.72
N PRO F 174 -13.48 -18.04 -27.55
CA PRO F 174 -13.72 -16.85 -28.36
C PRO F 174 -14.85 -17.01 -29.38
N ALA F 175 -15.51 -15.90 -29.70
CA ALA F 175 -16.67 -15.91 -30.59
C ALA F 175 -16.29 -16.15 -32.05
N LEU F 176 -17.12 -16.93 -32.73
CA LEU F 176 -16.93 -17.22 -34.16
C LEU F 176 -18.19 -16.92 -34.95
N LEU F 177 -18.04 -16.68 -36.25
CA LEU F 177 -19.16 -16.36 -37.12
C LEU F 177 -19.78 -17.59 -37.79
N GLN F 178 -21.08 -17.76 -37.57
CA GLN F 178 -21.85 -18.84 -38.19
C GLN F 178 -23.18 -18.28 -38.69
N SER F 179 -23.40 -18.39 -40.00
CA SER F 179 -24.60 -17.87 -40.68
C SER F 179 -24.80 -16.35 -40.49
N GLY F 180 -23.69 -15.62 -40.39
CA GLY F 180 -23.71 -14.18 -40.21
C GLY F 180 -24.00 -13.73 -38.78
N LEU F 181 -23.82 -14.65 -37.83
CA LEU F 181 -24.06 -14.38 -36.41
C LEU F 181 -23.00 -15.04 -35.52
N TYR F 182 -22.75 -14.44 -34.36
CA TYR F 182 -21.77 -14.95 -33.41
C TYR F 182 -22.34 -16.04 -32.49
N THR F 183 -21.55 -17.08 -32.28
CA THR F 183 -21.89 -18.16 -31.35
C THR F 183 -20.70 -18.42 -30.42
N LEU F 184 -20.95 -18.28 -29.12
CA LEU F 184 -19.90 -18.39 -28.11
C LEU F 184 -20.23 -19.45 -27.06
N SER F 185 -19.20 -20.12 -26.56
CA SER F 185 -19.35 -21.17 -25.56
C SER F 185 -18.36 -21.02 -24.41
N SER F 186 -18.70 -21.61 -23.26
CA SER F 186 -17.84 -21.60 -22.07
C SER F 186 -18.07 -22.83 -21.21
N SER F 187 -17.10 -23.15 -20.34
CA SER F 187 -17.18 -24.34 -19.48
C SER F 187 -16.44 -24.16 -18.15
N VAL F 188 -17.00 -24.75 -17.10
CA VAL F 188 -16.38 -24.76 -15.77
C VAL F 188 -16.34 -26.17 -15.17
N THR F 189 -15.21 -26.52 -14.57
CA THR F 189 -15.01 -27.85 -13.99
C THR F 189 -14.86 -27.78 -12.47
N VAL F 190 -15.78 -28.44 -11.77
CA VAL F 190 -15.75 -28.54 -10.31
C VAL F 190 -15.91 -29.99 -9.87
N THR F 191 -15.57 -30.28 -8.62
CA THR F 191 -15.66 -31.64 -8.06
C THR F 191 -17.09 -32.18 -8.07
N SER F 192 -17.21 -33.50 -8.11
CA SER F 192 -18.51 -34.18 -8.19
C SER F 192 -19.43 -33.92 -6.99
N ASN F 193 -18.85 -33.44 -5.89
CA ASN F 193 -19.60 -33.14 -4.67
C ASN F 193 -20.15 -31.71 -4.62
N THR F 194 -19.49 -30.81 -5.35
CA THR F 194 -19.89 -29.39 -5.39
C THR F 194 -21.25 -29.20 -6.08
N TRP F 195 -21.48 -29.97 -7.15
CA TRP F 195 -22.69 -29.85 -7.95
C TRP F 195 -23.48 -31.16 -7.96
N PRO F 196 -24.83 -31.09 -7.93
CA PRO F 196 -25.69 -29.90 -7.93
C PRO F 196 -26.11 -29.42 -6.53
N SER F 197 -25.23 -29.62 -5.55
CA SER F 197 -25.47 -29.14 -4.18
C SER F 197 -25.33 -27.62 -4.11
N GLN F 198 -24.23 -27.12 -4.65
CA GLN F 198 -24.01 -25.67 -4.79
C GLN F 198 -24.43 -25.28 -6.22
N THR F 199 -25.52 -24.52 -6.31
CA THR F 199 -26.11 -24.14 -7.60
C THR F 199 -25.22 -23.15 -8.35
N ILE F 200 -24.93 -23.46 -9.61
CA ILE F 200 -24.04 -22.65 -10.44
C ILE F 200 -24.82 -21.91 -11.53
N THR F 201 -24.49 -20.63 -11.71
CA THR F 201 -25.18 -19.76 -12.66
C THR F 201 -24.23 -19.25 -13.75
N CYS F 202 -24.73 -19.24 -14.99
CA CYS F 202 -23.98 -18.70 -16.13
C CYS F 202 -24.39 -17.25 -16.38
N ASN F 203 -23.45 -16.33 -16.15
CA ASN F 203 -23.72 -14.90 -16.27
C ASN F 203 -23.29 -14.34 -17.63
N VAL F 204 -24.28 -14.00 -18.46
CA VAL F 204 -24.04 -13.47 -19.79
C VAL F 204 -24.46 -12.01 -19.89
N ALA F 205 -23.67 -11.21 -20.59
CA ALA F 205 -23.98 -9.79 -20.80
C ALA F 205 -23.59 -9.30 -22.19
N HIS F 206 -24.61 -9.03 -23.01
CA HIS F 206 -24.42 -8.44 -24.34
C HIS F 206 -24.95 -7.00 -24.32
N PRO F 207 -24.05 -6.02 -24.09
CA PRO F 207 -24.41 -4.62 -23.85
C PRO F 207 -24.95 -3.90 -25.09
N ALA F 208 -24.62 -4.39 -26.28
CA ALA F 208 -25.08 -3.81 -27.53
C ALA F 208 -26.59 -3.98 -27.72
N SER F 209 -27.12 -5.10 -27.25
CA SER F 209 -28.56 -5.35 -27.26
C SER F 209 -29.23 -4.83 -25.99
N SER F 210 -28.40 -4.47 -25.00
CA SER F 210 -28.84 -3.93 -23.71
C SER F 210 -29.59 -4.94 -22.82
N THR F 211 -30.10 -6.02 -23.44
CA THR F 211 -30.82 -7.06 -22.70
C THR F 211 -29.90 -8.24 -22.38
N LYS F 212 -29.73 -8.50 -21.09
CA LYS F 212 -28.90 -9.60 -20.62
C LYS F 212 -29.56 -10.38 -19.47
N VAL F 213 -29.54 -11.70 -19.57
CA VAL F 213 -30.16 -12.57 -18.57
C VAL F 213 -29.22 -13.71 -18.18
N ASP F 214 -29.06 -13.91 -16.87
CA ASP F 214 -28.26 -15.02 -16.34
C ASP F 214 -29.13 -16.27 -16.15
N LYS F 215 -28.58 -17.42 -16.50
CA LYS F 215 -29.33 -18.68 -16.43
C LYS F 215 -28.75 -19.69 -15.44
N LYS F 216 -29.62 -20.25 -14.62
CA LYS F 216 -29.25 -21.24 -13.61
C LYS F 216 -29.16 -22.63 -14.24
N ILE F 217 -27.99 -23.26 -14.10
CA ILE F 217 -27.75 -24.59 -14.66
C ILE F 217 -28.29 -25.66 -13.72
N GLU F 218 -29.28 -26.41 -14.20
CA GLU F 218 -29.92 -27.47 -13.42
C GLU F 218 -30.01 -28.75 -14.27
N PRO F 219 -29.81 -29.92 -13.63
CA PRO F 219 -29.81 -31.20 -14.37
C PRO F 219 -31.20 -31.63 -14.81
#